data_3GEU
#
_entry.id   3GEU
#
_cell.length_a   113.922
_cell.length_b   121.141
_cell.length_c   61.686
_cell.angle_alpha   90.000
_cell.angle_beta   90.000
_cell.angle_gamma   90.000
#
_symmetry.space_group_name_H-M   'P 21 21 2'
#
loop_
_entity.id
_entity.type
_entity.pdbx_description
1 polymer 'Intercellular adhesion protein R'
2 non-polymer 'CHLORIDE ION'
3 non-polymer 'FORMIC ACID'
4 non-polymer 'SODIUM ION'
5 water water
#
_entity_poly.entity_id   1
_entity_poly.type   'polypeptide(L)'
_entity_poly.pdbx_seq_one_letter_code
;SNA(MSE)KDKIIDNAITLFSEKGYDGTTLDDIAKSVNIKKASLYYHFDSKKSIYEQSVKCCFDYLNNII(MSE)(MSE)
NQNKSNYSIDALYQFLFEFIFDIEERYIR(MSE)YVQLSNTPEEFSGNIYGQIQDLNQSLSKEIAKFYDESKIK(MSE)T
KEDFQNLILLFLESWYLKASFSQKFGAVEESKSQFKDEVYSLLNIFLKK
;
_entity_poly.pdbx_strand_id   A,B,C,D
#
loop_
_chem_comp.id
_chem_comp.type
_chem_comp.name
_chem_comp.formula
CL non-polymer 'CHLORIDE ION' 'Cl -1'
FMT non-polymer 'FORMIC ACID' 'C H2 O2'
NA non-polymer 'SODIUM ION' 'Na 1'
#
# COMPACT_ATOMS: atom_id res chain seq x y z
N SER A 1 -18.00 -19.74 -7.75
CA SER A 1 -18.41 -20.07 -6.35
C SER A 1 -17.50 -19.38 -5.30
N ASN A 2 -18.04 -18.42 -4.57
CA ASN A 2 -17.41 -17.82 -3.38
C ASN A 2 -16.80 -18.81 -2.36
N ALA A 3 -17.44 -19.95 -2.12
CA ALA A 3 -16.85 -20.94 -1.23
C ALA A 3 -15.61 -21.59 -1.82
N MSE A 4 -15.68 -21.96 -3.10
CA MSE A 4 -14.50 -22.52 -3.80
C MSE A 4 -13.37 -21.48 -3.91
O MSE A 4 -12.19 -21.78 -3.67
CB MSE A 4 -14.87 -23.10 -5.17
CG MSE A 4 -13.68 -23.69 -5.94
SE MSE A 4 -12.75 -25.13 -4.95
CE MSE A 4 -14.07 -26.59 -5.07
N LYS A 5 -13.71 -20.25 -4.27
CA LYS A 5 -12.70 -19.21 -4.34
C LYS A 5 -11.98 -19.10 -2.98
N ASP A 6 -12.74 -19.20 -1.90
CA ASP A 6 -12.15 -19.10 -0.57
C ASP A 6 -11.23 -20.30 -0.30
N LYS A 7 -11.63 -21.48 -0.76
CA LYS A 7 -10.91 -22.69 -0.47
C LYS A 7 -9.61 -22.71 -1.28
N ILE A 8 -9.66 -22.18 -2.50
CA ILE A 8 -8.48 -22.01 -3.36
C ILE A 8 -7.48 -21.08 -2.69
N ILE A 9 -7.96 -19.97 -2.14
CA ILE A 9 -7.03 -19.03 -1.51
C ILE A 9 -6.42 -19.65 -0.25
N ASP A 10 -7.25 -20.33 0.53
CA ASP A 10 -6.75 -20.94 1.77
C ASP A 10 -5.65 -21.93 1.44
N ASN A 11 -5.88 -22.79 0.46
CA ASN A 11 -4.85 -23.74 0.03
C ASN A 11 -3.62 -23.11 -0.61
N ALA A 12 -3.81 -22.06 -1.39
CA ALA A 12 -2.71 -21.32 -2.04
C ALA A 12 -1.79 -20.63 -1.03
N ILE A 13 -2.38 -20.07 0.02
CA ILE A 13 -1.55 -19.58 1.14
C ILE A 13 -0.55 -20.68 1.59
N THR A 14 -1.06 -21.90 1.81
CA THR A 14 -0.20 -22.98 2.27
C THR A 14 0.90 -23.28 1.26
N LEU A 15 0.54 -23.41 -0.01
CA LEU A 15 1.50 -23.72 -1.07
C LEU A 15 2.51 -22.61 -1.28
N PHE A 16 2.03 -21.37 -1.36
CA PHE A 16 2.94 -20.22 -1.47
C PHE A 16 3.92 -20.10 -0.30
N SER A 17 3.40 -20.36 0.92
CA SER A 17 4.18 -20.18 2.13
C SER A 17 5.30 -21.20 2.14
N GLU A 18 5.06 -22.34 1.50
CA GLU A 18 6.08 -23.40 1.27
C GLU A 18 7.12 -23.11 0.19
N LYS A 19 6.74 -22.70 -1.02
CA LYS A 19 7.70 -22.62 -2.14
C LYS A 19 7.80 -21.25 -2.79
N GLY A 20 7.02 -20.29 -2.26
CA GLY A 20 6.92 -19.00 -2.88
C GLY A 20 6.20 -18.95 -4.24
N TYR A 21 6.09 -17.75 -4.79
CA TYR A 21 5.34 -17.54 -6.03
C TYR A 21 5.88 -18.34 -7.20
N ASP A 22 7.19 -18.19 -7.47
CA ASP A 22 7.81 -18.80 -8.66
C ASP A 22 7.87 -20.32 -8.50
N GLY A 23 8.00 -20.80 -7.28
CA GLY A 23 8.07 -22.27 -7.09
C GLY A 23 6.71 -22.96 -6.96
N THR A 24 5.63 -22.20 -7.01
CA THR A 24 4.28 -22.76 -6.86
C THR A 24 3.59 -22.69 -8.24
N THR A 25 3.03 -23.81 -8.70
CA THR A 25 2.39 -23.87 -10.05
C THR A 25 0.88 -23.85 -9.96
N LEU A 26 0.21 -23.43 -11.03
CA LEU A 26 -1.24 -23.54 -11.01
C LEU A 26 -1.70 -24.99 -10.84
N ASP A 27 -0.96 -25.92 -11.43
CA ASP A 27 -1.27 -27.34 -11.24
C ASP A 27 -1.29 -27.72 -9.77
N ASP A 28 -0.30 -27.25 -9.03
CA ASP A 28 -0.19 -27.51 -7.60
C ASP A 28 -1.46 -27.06 -6.88
N ILE A 29 -1.87 -25.82 -7.17
CA ILE A 29 -3.05 -25.22 -6.57
C ILE A 29 -4.33 -26.01 -6.89
N ALA A 30 -4.55 -26.35 -8.16
CA ALA A 30 -5.72 -27.14 -8.53
C ALA A 30 -5.75 -28.51 -7.83
N LYS A 31 -4.62 -29.21 -7.81
CA LYS A 31 -4.58 -30.50 -7.12
C LYS A 31 -4.95 -30.40 -5.63
N SER A 32 -4.46 -29.35 -4.97
CA SER A 32 -4.72 -29.14 -3.55
C SER A 32 -6.22 -29.14 -3.25
N VAL A 33 -7.04 -28.59 -4.15
CA VAL A 33 -8.49 -28.60 -3.90
C VAL A 33 -9.22 -29.63 -4.74
N ASN A 34 -8.45 -30.47 -5.43
CA ASN A 34 -8.96 -31.46 -6.38
C ASN A 34 -9.96 -30.91 -7.41
N ILE A 35 -9.56 -29.87 -8.13
CA ILE A 35 -10.34 -29.38 -9.28
C ILE A 35 -9.45 -29.41 -10.53
N LYS A 36 -10.07 -29.43 -11.70
CA LYS A 36 -9.29 -29.41 -12.94
C LYS A 36 -8.67 -28.04 -12.97
N LYS A 37 -7.53 -27.93 -13.61
CA LYS A 37 -6.85 -26.66 -13.66
C LYS A 37 -7.72 -25.59 -14.34
N ALA A 38 -8.56 -25.97 -15.30
CA ALA A 38 -9.37 -24.97 -16.00
C ALA A 38 -10.34 -24.31 -15.05
N SER A 39 -10.73 -25.02 -13.99
CA SER A 39 -11.68 -24.52 -13.00
C SER A 39 -11.10 -23.37 -12.19
N LEU A 40 -9.78 -23.27 -12.11
CA LEU A 40 -9.17 -22.12 -11.43
C LEU A 40 -9.66 -20.81 -12.05
N TYR A 41 -9.79 -20.84 -13.38
CA TYR A 41 -10.09 -19.63 -14.14
C TYR A 41 -11.53 -19.20 -13.99
N TYR A 42 -12.36 -20.10 -13.45
CA TYR A 42 -13.69 -19.69 -13.01
C TYR A 42 -13.67 -18.61 -11.92
N HIS A 43 -12.60 -18.53 -11.13
CA HIS A 43 -12.55 -17.67 -9.95
C HIS A 43 -11.40 -16.67 -9.97
N PHE A 44 -10.44 -16.88 -10.88
CA PHE A 44 -9.23 -16.04 -10.97
C PHE A 44 -8.81 -15.93 -12.42
N ASP A 45 -8.13 -14.85 -12.79
CA ASP A 45 -7.74 -14.79 -14.21
C ASP A 45 -6.28 -15.19 -14.44
N SER A 46 -5.56 -15.53 -13.38
CA SER A 46 -4.11 -15.75 -13.44
C SER A 46 -3.51 -16.18 -12.12
N LYS A 47 -2.29 -16.76 -12.16
CA LYS A 47 -1.58 -17.07 -10.94
C LYS A 47 -1.33 -15.82 -10.11
N LYS A 48 -1.06 -14.71 -10.79
CA LYS A 48 -0.82 -13.43 -10.13
C LYS A 48 -2.00 -13.01 -9.23
N SER A 49 -3.22 -13.11 -9.73
CA SER A 49 -4.43 -12.79 -8.92
C SER A 49 -4.60 -13.69 -7.72
N ILE A 50 -4.26 -14.98 -7.84
CA ILE A 50 -4.37 -15.89 -6.69
C ILE A 50 -3.36 -15.45 -5.63
N TYR A 51 -2.14 -15.13 -6.03
CA TYR A 51 -1.15 -14.73 -5.05
C TYR A 51 -1.54 -13.42 -4.34
N GLU A 52 -1.93 -12.40 -5.12
CA GLU A 52 -2.32 -11.09 -4.56
C GLU A 52 -3.38 -11.28 -3.50
N GLN A 53 -4.40 -12.07 -3.84
CA GLN A 53 -5.50 -12.30 -2.92
C GLN A 53 -5.07 -13.12 -1.71
N SER A 54 -4.10 -14.03 -1.91
CA SER A 54 -3.56 -14.83 -0.82
C SER A 54 -2.76 -13.95 0.17
N VAL A 55 -1.96 -13.05 -0.38
CA VAL A 55 -1.21 -12.10 0.43
C VAL A 55 -2.14 -11.20 1.25
N LYS A 56 -3.23 -10.73 0.64
CA LYS A 56 -4.21 -9.94 1.36
C LYS A 56 -4.89 -10.70 2.51
N CYS A 57 -5.26 -11.94 2.26
CA CYS A 57 -5.85 -12.82 3.27
CA CYS A 57 -5.87 -12.75 3.30
C CYS A 57 -4.86 -13.00 4.43
N CYS A 58 -3.60 -13.14 4.08
CA CYS A 58 -2.56 -13.36 5.08
C CYS A 58 -2.44 -12.14 6.00
N PHE A 59 -2.43 -10.95 5.41
CA PHE A 59 -2.45 -9.75 6.27
C PHE A 59 -3.77 -9.61 7.05
N ASP A 60 -4.90 -10.02 6.48
CA ASP A 60 -6.13 -9.95 7.26
C ASP A 60 -5.97 -10.79 8.50
N TYR A 61 -5.41 -11.99 8.35
CA TYR A 61 -5.19 -12.89 9.47
C TYR A 61 -4.27 -12.24 10.52
N LEU A 62 -3.13 -11.73 10.08
CA LEU A 62 -2.15 -11.15 10.99
C LEU A 62 -2.71 -9.91 11.71
N ASN A 63 -3.38 -9.03 10.98
CA ASN A 63 -4.04 -7.89 11.59
C ASN A 63 -5.16 -8.31 12.55
N ASN A 64 -5.77 -9.46 12.28
CA ASN A 64 -6.81 -9.89 13.21
C ASN A 64 -6.29 -10.28 14.59
N ILE A 65 -5.00 -10.59 14.71
CA ILE A 65 -4.41 -10.87 16.03
C ILE A 65 -4.55 -9.65 16.95
N ILE A 66 -4.50 -8.47 16.35
CA ILE A 66 -4.58 -7.23 17.11
C ILE A 66 -6.02 -6.92 17.47
N MSE A 67 -6.91 -7.06 16.49
CA MSE A 67 -8.34 -6.91 16.73
C MSE A 67 -8.80 -7.80 17.88
O MSE A 67 -9.52 -7.36 18.76
CB MSE A 67 -9.13 -7.20 15.45
CG MSE A 67 -9.05 -6.05 14.47
SE MSE A 67 -9.27 -4.43 15.53
CE MSE A 67 -10.99 -4.96 16.38
N MSE A 68 -8.39 -9.06 17.86
CA MSE A 68 -8.76 -10.01 18.93
C MSE A 68 -8.24 -9.53 20.28
O MSE A 68 -8.95 -9.59 21.27
CB MSE A 68 -8.25 -11.42 18.66
CG MSE A 68 -9.13 -12.26 17.74
SE MSE A 68 -8.26 -13.94 17.26
CE MSE A 68 -6.42 -13.48 17.59
N ASN A 69 -6.99 -9.04 20.32
CA ASN A 69 -6.45 -8.53 21.56
C ASN A 69 -7.22 -7.34 22.10
N GLN A 70 -7.60 -6.42 21.21
CA GLN A 70 -8.44 -5.27 21.63
C GLN A 70 -9.75 -5.72 22.27
N ASN A 71 -10.29 -6.83 21.77
CA ASN A 71 -11.59 -7.30 22.25
C ASN A 71 -11.50 -7.80 23.68
N LYS A 72 -10.32 -8.20 24.13
CA LYS A 72 -10.32 -8.97 25.36
C LYS A 72 -9.49 -8.36 26.45
N SER A 73 -8.29 -7.94 26.04
CA SER A 73 -7.22 -7.46 26.94
C SER A 73 -7.53 -6.28 27.86
N ASN A 74 -7.14 -6.41 29.13
CA ASN A 74 -7.17 -5.34 30.12
C ASN A 74 -5.90 -4.46 30.03
N TYR A 75 -4.99 -4.85 29.15
CA TYR A 75 -3.70 -4.15 28.99
C TYR A 75 -2.79 -4.10 30.23
N SER A 76 -3.05 -4.96 31.21
CA SER A 76 -2.15 -5.15 32.37
C SER A 76 -0.81 -5.76 31.99
N ILE A 77 0.16 -5.77 32.92
CA ILE A 77 1.43 -6.44 32.66
C ILE A 77 1.20 -7.93 32.40
N ASP A 78 0.32 -8.56 33.18
CA ASP A 78 -0.05 -9.95 32.89
C ASP A 78 -0.56 -10.07 31.50
N ALA A 79 -1.48 -9.21 31.10
CA ALA A 79 -1.96 -9.26 29.72
C ALA A 79 -0.85 -9.04 28.66
N LEU A 80 0.17 -8.23 28.98
CA LEU A 80 1.32 -8.08 28.06
C LEU A 80 2.06 -9.40 27.88
N TYR A 81 2.33 -10.12 28.98
CA TYR A 81 3.01 -11.44 28.82
C TYR A 81 2.17 -12.42 28.02
N GLN A 82 0.88 -12.39 28.26
CA GLN A 82 -0.04 -13.27 27.50
C GLN A 82 -0.13 -12.91 26.02
N PHE A 83 -0.17 -11.61 25.70
CA PHE A 83 -0.11 -11.18 24.28
C PHE A 83 1.17 -11.66 23.60
N LEU A 84 2.32 -11.57 24.30
CA LEU A 84 3.58 -12.02 23.69
C LEU A 84 3.48 -13.56 23.44
N PHE A 85 3.01 -14.28 24.46
CA PHE A 85 2.79 -15.72 24.36
C PHE A 85 1.92 -16.03 23.15
N GLU A 86 0.78 -15.35 23.05
CA GLU A 86 -0.11 -15.63 21.93
C GLU A 86 0.50 -15.33 20.55
N PHE A 87 1.27 -14.26 20.43
CA PHE A 87 1.90 -13.94 19.17
C PHE A 87 2.85 -15.07 18.72
N ILE A 88 3.71 -15.52 19.65
CA ILE A 88 4.72 -16.54 19.37
C ILE A 88 4.03 -17.93 19.17
N PHE A 89 3.09 -18.31 20.03
CA PHE A 89 2.52 -19.66 19.95
C PHE A 89 1.31 -19.79 19.03
N ASP A 90 0.48 -18.75 18.94
CA ASP A 90 -0.83 -18.90 18.30
C ASP A 90 -0.97 -18.45 16.85
N ILE A 91 0.01 -17.72 16.36
CA ILE A 91 0.05 -17.40 14.95
C ILE A 91 0.48 -18.64 14.18
N GLU A 92 -0.42 -19.11 13.34
CA GLU A 92 -0.13 -20.31 12.56
C GLU A 92 1.08 -20.10 11.68
N GLU A 93 1.91 -21.13 11.67
CA GLU A 93 3.20 -21.09 11.00
C GLU A 93 3.08 -20.69 9.53
N ARG A 94 2.01 -21.07 8.85
CA ARG A 94 2.02 -20.78 7.38
C ARG A 94 1.91 -19.30 7.06
N TYR A 95 1.24 -18.58 7.92
CA TYR A 95 1.12 -17.11 7.73
C TYR A 95 2.43 -16.41 7.98
N ILE A 96 3.16 -16.84 9.00
CA ILE A 96 4.51 -16.31 9.15
C ILE A 96 5.40 -16.64 7.97
N ARG A 97 5.33 -17.88 7.47
CA ARG A 97 6.15 -18.21 6.33
C ARG A 97 5.70 -17.44 5.05
N MSE A 98 4.40 -17.25 4.87
CA MSE A 98 3.90 -16.43 3.74
C MSE A 98 4.51 -15.04 3.82
O MSE A 98 5.05 -14.50 2.85
CB MSE A 98 2.36 -16.36 3.79
CG MSE A 98 1.73 -15.56 2.70
SE MSE A 98 1.97 -16.51 0.98
CE MSE A 98 0.54 -15.54 0.10
N TYR A 99 4.45 -14.45 5.02
CA TYR A 99 5.05 -13.11 5.25
C TYR A 99 6.53 -13.05 4.88
N VAL A 100 7.29 -14.03 5.36
CA VAL A 100 8.69 -14.07 4.96
C VAL A 100 8.82 -14.28 3.44
N GLN A 101 7.93 -15.10 2.83
CA GLN A 101 7.98 -15.37 1.38
C GLN A 101 7.74 -14.09 0.55
N LEU A 102 7.15 -13.06 1.15
CA LEU A 102 6.96 -11.78 0.42
C LEU A 102 8.28 -11.26 -0.15
N SER A 103 9.40 -11.83 0.34
CA SER A 103 10.76 -11.55 -0.14
C SER A 103 11.07 -11.98 -1.57
N ASN A 104 10.40 -13.01 -2.08
CA ASN A 104 10.72 -13.45 -3.43
C ASN A 104 9.63 -13.18 -4.48
N THR A 105 8.70 -12.31 -4.12
CA THR A 105 7.71 -11.82 -5.06
C THR A 105 8.40 -11.25 -6.31
N PRO A 106 7.94 -11.56 -7.50
CA PRO A 106 8.49 -10.95 -8.69
C PRO A 106 8.26 -9.45 -8.64
N GLU A 107 9.25 -8.73 -9.15
CA GLU A 107 9.27 -7.29 -9.12
C GLU A 107 8.08 -6.71 -9.84
N GLU A 108 7.67 -7.37 -10.91
CA GLU A 108 6.59 -6.93 -11.76
C GLU A 108 5.26 -6.90 -11.03
N PHE A 109 5.23 -7.52 -9.86
CA PHE A 109 4.08 -7.58 -9.02
C PHE A 109 4.37 -7.06 -7.62
N SER A 110 5.17 -6.02 -7.45
CA SER A 110 5.39 -5.52 -6.08
C SER A 110 4.04 -5.14 -5.46
N GLY A 111 3.14 -4.54 -6.27
CA GLY A 111 1.80 -4.17 -5.85
C GLY A 111 1.75 -3.20 -4.69
N ASN A 112 0.92 -3.51 -3.71
CA ASN A 112 0.78 -2.75 -2.47
C ASN A 112 1.47 -3.41 -1.28
N ILE A 113 2.23 -4.43 -1.56
CA ILE A 113 2.75 -5.34 -0.52
C ILE A 113 3.59 -4.65 0.54
N TYR A 114 4.48 -3.74 0.15
CA TYR A 114 5.30 -3.08 1.17
C TYR A 114 4.42 -2.21 2.07
N GLY A 115 3.38 -1.60 1.51
CA GLY A 115 2.41 -0.85 2.29
C GLY A 115 1.75 -1.69 3.37
N GLN A 116 1.41 -2.94 3.04
CA GLN A 116 0.79 -3.86 3.98
C GLN A 116 1.80 -4.26 5.10
N ILE A 117 3.06 -4.48 4.72
CA ILE A 117 4.16 -4.77 5.67
C ILE A 117 4.31 -3.62 6.66
N GLN A 118 4.39 -2.41 6.16
CA GLN A 118 4.55 -1.25 7.02
C GLN A 118 3.36 -0.93 7.90
N ASP A 119 2.14 -1.08 7.37
CA ASP A 119 0.91 -0.91 8.15
C ASP A 119 0.79 -1.93 9.28
N LEU A 120 1.15 -3.18 9.03
CA LEU A 120 1.11 -4.17 10.12
C LEU A 120 2.04 -3.75 11.26
N ASN A 121 3.26 -3.33 10.92
CA ASN A 121 4.20 -2.85 11.94
C ASN A 121 3.63 -1.66 12.69
N GLN A 122 3.05 -0.69 11.98
CA GLN A 122 2.41 0.49 12.56
CA GLN A 122 2.48 0.47 12.66
C GLN A 122 1.28 0.08 13.52
N SER A 123 0.44 -0.84 13.06
CA SER A 123 -0.68 -1.33 13.85
C SER A 123 -0.21 -2.05 15.12
N LEU A 124 0.84 -2.86 15.00
CA LEU A 124 1.35 -3.60 16.14
C LEU A 124 1.93 -2.63 17.17
N SER A 125 2.70 -1.67 16.69
CA SER A 125 3.23 -0.59 17.53
C SER A 125 2.16 0.19 18.30
N LYS A 126 1.08 0.59 17.63
CA LYS A 126 -0.03 1.20 18.35
C LYS A 126 -0.64 0.30 19.40
N GLU A 127 -0.80 -0.98 19.10
CA GLU A 127 -1.42 -1.87 20.11
C GLU A 127 -0.47 -2.07 21.32
N ILE A 128 0.82 -2.21 21.03
CA ILE A 128 1.87 -2.35 22.06
C ILE A 128 1.86 -1.15 23.02
N ALA A 129 1.66 0.05 22.46
CA ALA A 129 1.66 1.28 23.25
C ALA A 129 0.62 1.27 24.35
N LYS A 130 -0.51 0.59 24.10
CA LYS A 130 -1.56 0.50 25.10
C LYS A 130 -1.21 -0.19 26.42
N PHE A 131 -0.18 -1.05 26.38
CA PHE A 131 0.36 -1.73 27.59
C PHE A 131 1.36 -0.87 28.35
N TYR A 132 1.77 0.25 27.77
CA TYR A 132 2.74 1.06 28.52
C TYR A 132 2.17 1.54 29.84
N ASP A 133 2.89 1.37 30.93
CA ASP A 133 2.40 1.89 32.18
C ASP A 133 3.56 2.46 32.93
N GLU A 134 3.54 3.79 33.13
CA GLU A 134 4.66 4.50 33.74
C GLU A 134 4.96 3.91 35.11
N SER A 135 3.94 3.46 35.84
CA SER A 135 4.19 2.92 37.19
C SER A 135 4.82 1.50 37.23
N LYS A 136 4.97 0.84 36.09
CA LYS A 136 5.37 -0.57 36.10
C LYS A 136 6.55 -0.88 35.19
N ILE A 137 6.79 0.03 34.26
CA ILE A 137 7.82 -0.17 33.22
C ILE A 137 8.86 0.90 33.34
N LYS A 138 10.07 0.49 33.62
CA LYS A 138 11.18 1.37 33.83
C LYS A 138 11.85 1.74 32.50
N MSE A 139 11.03 2.35 31.65
CA MSE A 139 11.39 2.67 30.27
C MSE A 139 10.66 3.94 29.84
O MSE A 139 9.63 4.29 30.39
CB MSE A 139 11.03 1.52 29.33
CG MSE A 139 11.87 0.27 29.55
SE MSE A 139 11.33 -1.21 28.39
CE MSE A 139 11.98 -0.53 26.69
N THR A 140 11.17 4.56 28.81
CA THR A 140 10.37 5.51 28.09
C THR A 140 9.38 4.74 27.27
N LYS A 141 8.24 5.34 26.92
CA LYS A 141 7.28 4.64 26.05
C LYS A 141 7.92 4.25 24.71
N GLU A 142 8.67 5.19 24.12
CA GLU A 142 9.50 4.99 22.89
C GLU A 142 10.30 3.69 23.01
N ASP A 143 11.06 3.54 24.09
CA ASP A 143 11.93 2.35 24.23
C ASP A 143 11.11 1.09 24.46
N PHE A 144 10.03 1.24 25.21
CA PHE A 144 9.16 0.05 25.46
C PHE A 144 8.60 -0.45 24.11
N GLN A 145 8.03 0.45 23.30
CA GLN A 145 7.48 0.03 21.99
C GLN A 145 8.58 -0.62 21.13
N ASN A 146 9.76 -0.04 21.13
CA ASN A 146 10.83 -0.59 20.32
C ASN A 146 11.24 -1.98 20.81
N LEU A 147 11.32 -2.15 22.12
CA LEU A 147 11.70 -3.46 22.68
C LEU A 147 10.66 -4.54 22.32
N ILE A 148 9.39 -4.21 22.48
CA ILE A 148 8.37 -5.21 22.23
C ILE A 148 8.33 -5.53 20.72
N LEU A 149 8.45 -4.50 19.92
CA LEU A 149 8.54 -4.69 18.46
C LEU A 149 9.70 -5.54 18.04
N LEU A 150 10.87 -5.35 18.64
CA LEU A 150 11.94 -6.24 18.26
C LEU A 150 11.71 -7.68 18.65
N PHE A 151 11.02 -7.94 19.75
CA PHE A 151 10.65 -9.34 20.06
C PHE A 151 9.76 -9.89 18.94
N LEU A 152 8.74 -9.14 18.59
CA LEU A 152 7.74 -9.69 17.65
C LEU A 152 8.34 -9.80 16.25
N GLU A 153 9.15 -8.83 15.85
CA GLU A 153 9.70 -8.83 14.48
C GLU A 153 10.89 -9.77 14.29
N SER A 154 11.62 -10.06 15.35
CA SER A 154 12.62 -11.10 15.30
C SER A 154 11.97 -12.50 15.23
N TRP A 155 10.75 -12.63 15.74
CA TRP A 155 10.07 -13.94 15.69
C TRP A 155 9.78 -14.38 14.26
N TYR A 156 9.38 -13.49 13.38
CA TYR A 156 9.10 -13.91 11.98
C TYR A 156 10.17 -14.85 11.37
N LEU A 157 11.43 -14.42 11.41
CA LEU A 157 12.46 -15.17 10.73
C LEU A 157 12.80 -16.43 11.50
N LYS A 158 12.90 -16.33 12.82
CA LYS A 158 13.09 -17.55 13.64
C LYS A 158 12.02 -18.63 13.35
N ALA A 159 10.76 -18.22 13.32
CA ALA A 159 9.65 -19.14 13.13
C ALA A 159 9.74 -19.74 11.72
N SER A 160 10.01 -18.92 10.72
CA SER A 160 10.15 -19.39 9.32
C SER A 160 11.28 -20.41 9.19
N PHE A 161 12.45 -20.12 9.77
CA PHE A 161 13.59 -21.06 9.78
C PHE A 161 13.21 -22.35 10.56
N SER A 162 12.51 -22.22 11.69
CA SER A 162 12.22 -23.37 12.56
C SER A 162 11.52 -24.50 11.79
N GLN A 163 10.74 -24.12 10.79
CA GLN A 163 10.04 -25.09 9.98
C GLN A 163 10.99 -26.04 9.23
N LYS A 164 12.09 -25.50 8.74
CA LYS A 164 13.06 -26.24 7.96
C LYS A 164 14.05 -26.91 8.87
N PHE A 165 14.48 -26.15 9.89
CA PHE A 165 15.69 -26.49 10.64
C PHE A 165 15.25 -26.77 12.06
N GLY A 166 14.85 -28.00 12.33
CA GLY A 166 14.49 -28.33 13.69
C GLY A 166 13.00 -28.20 13.92
N ALA A 167 12.62 -27.55 15.04
CA ALA A 167 11.29 -27.81 15.49
C ALA A 167 10.48 -26.58 15.86
N VAL A 168 9.34 -26.41 15.21
CA VAL A 168 8.52 -25.22 15.44
C VAL A 168 8.16 -25.06 16.94
N GLU A 169 7.67 -26.11 17.61
CA GLU A 169 7.15 -25.92 18.99
C GLU A 169 8.28 -25.68 19.96
N GLU A 170 9.37 -26.39 19.73
CA GLU A 170 10.56 -26.18 20.57
C GLU A 170 11.08 -24.77 20.42
N SER A 171 11.01 -24.24 19.19
CA SER A 171 11.43 -22.86 18.97
C SER A 171 10.55 -21.84 19.65
N LYS A 172 9.22 -22.05 19.60
CA LYS A 172 8.31 -21.17 20.32
C LYS A 172 8.69 -21.15 21.79
N SER A 173 8.91 -22.32 22.37
CA SER A 173 9.12 -22.38 23.79
C SER A 173 10.42 -21.67 24.16
N GLN A 174 11.48 -21.94 23.40
CA GLN A 174 12.79 -21.32 23.70
C GLN A 174 12.75 -19.79 23.53
N PHE A 175 12.06 -19.34 22.48
CA PHE A 175 12.01 -17.90 22.15
C PHE A 175 11.17 -17.19 23.17
N LYS A 176 10.00 -17.75 23.49
CA LYS A 176 9.19 -17.22 24.60
C LYS A 176 9.98 -17.05 25.91
N ASP A 177 10.70 -18.08 26.33
CA ASP A 177 11.51 -17.93 27.56
C ASP A 177 12.58 -16.84 27.44
N GLU A 178 13.19 -16.73 26.27
CA GLU A 178 14.15 -15.67 26.03
C GLU A 178 13.58 -14.28 26.09
N VAL A 179 12.45 -14.07 25.42
CA VAL A 179 11.83 -12.82 25.41
C VAL A 179 11.34 -12.46 26.84
N TYR A 180 10.69 -13.39 27.52
CA TYR A 180 10.31 -13.16 28.95
C TYR A 180 11.50 -12.74 29.82
N SER A 181 12.61 -13.47 29.72
CA SER A 181 13.83 -13.07 30.45
C SER A 181 14.27 -11.62 30.19
N LEU A 182 14.21 -11.14 28.95
CA LEU A 182 14.60 -9.78 28.66
C LEU A 182 13.57 -8.76 29.18
N LEU A 183 12.29 -9.05 28.98
CA LEU A 183 11.25 -8.11 29.40
C LEU A 183 11.31 -7.93 30.92
N ASN A 184 11.58 -9.02 31.62
CA ASN A 184 11.62 -9.01 33.07
C ASN A 184 12.59 -7.98 33.58
N ILE A 185 13.59 -7.63 32.78
CA ILE A 185 14.62 -6.69 33.22
C ILE A 185 13.97 -5.32 33.49
N PHE A 186 12.94 -5.00 32.72
CA PHE A 186 12.40 -3.64 32.77
C PHE A 186 11.14 -3.45 33.62
N LEU A 187 10.73 -4.50 34.32
CA LEU A 187 9.52 -4.41 35.11
C LEU A 187 9.87 -3.98 36.51
N LYS A 188 9.30 -2.86 36.97
CA LYS A 188 9.22 -2.60 38.39
C LYS A 188 8.04 -3.47 38.81
N LYS A 189 6.91 -3.20 38.15
CA LYS A 189 5.62 -3.88 38.34
C LYS A 189 5.09 -3.86 39.81
N SER B 1 36.96 -13.76 -17.67
CA SER B 1 37.18 -15.11 -17.04
C SER B 1 37.58 -15.00 -15.56
N ASN B 2 38.43 -15.92 -15.08
CA ASN B 2 38.92 -17.06 -15.86
C ASN B 2 38.25 -18.37 -15.40
N ALA B 3 37.34 -18.25 -14.42
CA ALA B 3 36.83 -19.43 -13.72
C ALA B 3 35.30 -19.57 -13.79
N MSE B 4 34.86 -20.42 -14.72
CA MSE B 4 33.47 -20.66 -14.99
C MSE B 4 32.72 -21.14 -13.74
O MSE B 4 31.58 -20.73 -13.49
CB MSE B 4 33.32 -21.67 -16.13
CG MSE B 4 31.86 -22.00 -16.53
SE MSE B 4 30.72 -20.41 -16.90
CE MSE B 4 29.33 -21.20 -18.01
N LYS B 5 33.36 -22.00 -12.93
CA LYS B 5 32.73 -22.48 -11.68
C LYS B 5 32.32 -21.33 -10.77
N ASP B 6 33.25 -20.40 -10.55
CA ASP B 6 32.99 -19.20 -9.75
C ASP B 6 31.95 -18.27 -10.36
N LYS B 7 31.85 -18.24 -11.68
CA LYS B 7 30.90 -17.38 -12.39
C LYS B 7 29.50 -17.90 -12.18
N ILE B 8 29.36 -19.21 -12.34
CA ILE B 8 28.09 -19.86 -12.02
C ILE B 8 27.68 -19.58 -10.57
N ILE B 9 28.62 -19.73 -9.62
CA ILE B 9 28.24 -19.59 -8.18
C ILE B 9 27.89 -18.12 -7.83
N ASP B 10 28.66 -17.18 -8.38
CA ASP B 10 28.35 -15.77 -8.22
C ASP B 10 26.95 -15.44 -8.79
N ASN B 11 26.66 -15.91 -10.01
CA ASN B 11 25.32 -15.74 -10.59
C ASN B 11 24.24 -16.44 -9.80
N ALA B 12 24.57 -17.59 -9.24
CA ALA B 12 23.59 -18.39 -8.51
C ALA B 12 23.15 -17.72 -7.20
N ILE B 13 24.10 -17.05 -6.52
CA ILE B 13 23.82 -16.36 -5.26
C ILE B 13 22.80 -15.29 -5.58
N THR B 14 22.98 -14.64 -6.73
CA THR B 14 21.99 -13.62 -7.09
C THR B 14 20.59 -14.15 -7.39
N LEU B 15 20.53 -15.15 -8.26
CA LEU B 15 19.28 -15.81 -8.59
C LEU B 15 18.64 -16.37 -7.30
N PHE B 16 19.38 -17.17 -6.52
CA PHE B 16 18.80 -17.71 -5.28
C PHE B 16 18.30 -16.63 -4.30
N SER B 17 19.01 -15.51 -4.20
CA SER B 17 18.66 -14.47 -3.24
C SER B 17 17.37 -13.77 -3.67
N GLU B 18 17.06 -13.86 -4.97
CA GLU B 18 15.88 -13.17 -5.53
C GLU B 18 14.66 -14.05 -5.64
N LYS B 19 14.89 -15.33 -5.93
CA LYS B 19 13.76 -16.28 -6.09
C LYS B 19 13.75 -17.46 -5.10
N GLY B 20 14.83 -17.63 -4.36
CA GLY B 20 14.96 -18.79 -3.45
C GLY B 20 15.19 -20.08 -4.21
N TYR B 21 15.25 -21.18 -3.46
CA TYR B 21 15.59 -22.47 -4.05
C TYR B 21 14.53 -22.96 -5.05
N ASP B 22 13.26 -22.90 -4.63
CA ASP B 22 12.19 -23.54 -5.41
C ASP B 22 11.92 -22.75 -6.67
N GLY B 23 12.23 -21.45 -6.61
CA GLY B 23 11.91 -20.55 -7.69
C GLY B 23 13.03 -20.33 -8.68
N THR B 24 14.23 -20.80 -8.35
CA THR B 24 15.39 -20.70 -9.24
C THR B 24 15.57 -22.00 -10.03
N THR B 25 15.66 -21.89 -11.36
CA THR B 25 15.75 -23.06 -12.25
C THR B 25 17.17 -23.28 -12.80
N LEU B 26 17.51 -24.52 -13.12
CA LEU B 26 18.83 -24.77 -13.69
C LEU B 26 19.00 -23.94 -14.98
N ASP B 27 17.90 -23.76 -15.70
CA ASP B 27 17.91 -22.97 -16.94
C ASP B 27 18.23 -21.50 -16.71
N ASP B 28 17.67 -20.95 -15.64
CA ASP B 28 17.94 -19.60 -15.18
C ASP B 28 19.42 -19.43 -14.95
N ILE B 29 20.00 -20.39 -14.27
CA ILE B 29 21.41 -20.33 -13.91
C ILE B 29 22.24 -20.42 -15.19
N ALA B 30 21.88 -21.35 -16.07
CA ALA B 30 22.67 -21.56 -17.28
C ALA B 30 22.60 -20.32 -18.14
N LYS B 31 21.38 -19.78 -18.34
CA LYS B 31 21.19 -18.56 -19.13
C LYS B 31 22.09 -17.44 -18.64
N SER B 32 22.31 -17.44 -17.34
CA SER B 32 22.93 -16.28 -16.68
C SER B 32 24.46 -16.22 -16.91
N VAL B 33 25.03 -17.33 -17.42
CA VAL B 33 26.44 -17.40 -17.85
C VAL B 33 26.56 -17.81 -19.32
N ASN B 34 25.41 -17.80 -20.00
CA ASN B 34 25.38 -18.03 -21.44
C ASN B 34 25.90 -19.42 -21.88
N ILE B 35 25.58 -20.46 -21.11
CA ILE B 35 25.89 -21.83 -21.54
C ILE B 35 24.60 -22.63 -21.64
N LYS B 36 24.68 -23.79 -22.28
CA LYS B 36 23.55 -24.73 -22.29
C LYS B 36 23.38 -25.31 -20.89
N LYS B 37 22.18 -25.77 -20.58
CA LYS B 37 21.93 -26.36 -19.25
C LYS B 37 22.94 -27.48 -18.94
N ALA B 38 23.10 -28.43 -19.86
CA ALA B 38 24.01 -29.57 -19.65
C ALA B 38 25.46 -29.19 -19.29
N SER B 39 25.91 -28.00 -19.70
CA SER B 39 27.29 -27.57 -19.44
C SER B 39 27.51 -27.20 -17.97
N LEU B 40 26.42 -27.04 -17.22
CA LEU B 40 26.55 -26.79 -15.79
C LEU B 40 27.16 -28.02 -15.19
N TYR B 41 26.90 -29.15 -15.84
CA TYR B 41 27.34 -30.45 -15.33
C TYR B 41 28.85 -30.66 -15.51
N TYR B 42 29.52 -29.67 -16.12
CA TYR B 42 30.97 -29.67 -16.21
C TYR B 42 31.60 -29.19 -14.90
N HIS B 43 30.76 -28.62 -14.04
CA HIS B 43 31.28 -27.90 -12.89
C HIS B 43 30.59 -28.33 -11.61
N PHE B 44 29.40 -28.91 -11.77
CA PHE B 44 28.56 -29.28 -10.65
C PHE B 44 27.80 -30.57 -10.95
N ASP B 45 27.41 -31.33 -9.93
CA ASP B 45 26.62 -32.52 -10.23
C ASP B 45 25.10 -32.34 -10.13
N SER B 46 24.63 -31.25 -9.52
CA SER B 46 23.20 -31.06 -9.35
C SER B 46 22.86 -29.61 -9.03
N LYS B 47 21.58 -29.26 -9.17
CA LYS B 47 21.10 -27.99 -8.63
C LYS B 47 21.40 -27.89 -7.13
N LYS B 48 21.14 -28.96 -6.36
CA LYS B 48 21.39 -28.93 -4.89
CA LYS B 48 21.36 -28.89 -4.93
C LYS B 48 22.84 -28.59 -4.62
N SER B 49 23.74 -29.14 -5.42
CA SER B 49 25.16 -28.85 -5.21
C SER B 49 25.53 -27.38 -5.53
N ILE B 50 24.91 -26.82 -6.58
CA ILE B 50 25.11 -25.40 -6.86
C ILE B 50 24.60 -24.55 -5.67
N TYR B 51 23.44 -24.89 -5.13
CA TYR B 51 22.93 -24.16 -3.98
C TYR B 51 23.83 -24.27 -2.76
N GLU B 52 24.26 -25.48 -2.45
CA GLU B 52 25.08 -25.65 -1.23
C GLU B 52 26.34 -24.82 -1.32
N GLN B 53 26.96 -24.83 -2.50
CA GLN B 53 28.18 -24.04 -2.67
C GLN B 53 27.93 -22.52 -2.60
N SER B 54 26.82 -22.06 -3.19
CA SER B 54 26.37 -20.64 -3.07
C SER B 54 26.06 -20.24 -1.61
N VAL B 55 25.44 -21.13 -0.84
CA VAL B 55 25.16 -20.87 0.57
C VAL B 55 26.47 -20.77 1.37
N LYS B 56 27.41 -21.67 1.11
CA LYS B 56 28.75 -21.59 1.76
C LYS B 56 29.41 -20.24 1.48
N CYS B 57 29.39 -19.79 0.22
CA CYS B 57 29.96 -18.48 -0.15
C CYS B 57 29.28 -17.35 0.60
N CYS B 58 27.97 -17.46 0.77
CA CYS B 58 27.20 -16.48 1.52
CA CYS B 58 27.26 -16.44 1.49
C CYS B 58 27.66 -16.41 2.98
N PHE B 59 27.76 -17.57 3.62
CA PHE B 59 28.23 -17.57 5.03
C PHE B 59 29.68 -17.10 5.15
N ASP B 60 30.53 -17.43 4.15
CA ASP B 60 31.94 -16.97 4.11
C ASP B 60 31.96 -15.42 4.11
N TYR B 61 31.17 -14.83 3.23
CA TYR B 61 31.04 -13.37 3.20
C TYR B 61 30.58 -12.78 4.57
N LEU B 62 29.50 -13.33 5.14
CA LEU B 62 28.96 -12.77 6.38
C LEU B 62 29.92 -12.94 7.53
N ASN B 63 30.57 -14.09 7.59
CA ASN B 63 31.55 -14.33 8.66
C ASN B 63 32.71 -13.37 8.50
N ASN B 64 33.06 -13.06 7.27
CA ASN B 64 34.17 -12.16 7.07
C ASN B 64 33.84 -10.72 7.49
N ILE B 65 32.58 -10.28 7.39
CA ILE B 65 32.22 -8.94 7.89
C ILE B 65 32.57 -8.88 9.38
N ILE B 66 32.23 -9.95 10.10
CA ILE B 66 32.48 -10.04 11.52
C ILE B 66 33.95 -10.05 11.83
N MSE B 67 34.70 -10.92 11.13
CA MSE B 67 36.11 -11.05 11.42
CA MSE B 67 36.12 -11.05 11.40
C MSE B 67 36.81 -9.71 11.20
O MSE B 67 37.73 -9.35 11.94
CB MSE B 67 36.73 -12.19 10.59
CB MSE B 67 36.75 -12.11 10.48
CG MSE B 67 36.30 -13.59 11.06
CG MSE B 67 37.89 -12.87 11.13
SE MSE B 67 36.67 -13.89 12.97
SE MSE B 67 38.29 -14.48 10.12
CE MSE B 67 34.90 -13.65 13.71
CE MSE B 67 36.48 -14.99 9.57
N MSE B 68 36.35 -8.98 10.20
CA MSE B 68 36.99 -7.74 9.81
CA MSE B 68 36.98 -7.73 9.80
C MSE B 68 36.62 -6.61 10.79
O MSE B 68 37.26 -5.61 10.81
CB MSE B 68 36.58 -7.34 8.40
CB MSE B 68 36.57 -7.33 8.39
CG MSE B 68 37.03 -8.36 7.34
CG MSE B 68 37.34 -8.06 7.28
SE MSE B 68 38.99 -8.49 7.20
SE MSE B 68 37.20 -7.24 5.49
CE MSE B 68 39.43 -9.78 8.56
CE MSE B 68 38.63 -5.87 5.68
N ASN B 69 35.57 -6.80 11.58
CA ASN B 69 35.18 -5.71 12.46
C ASN B 69 36.35 -5.25 13.40
N GLN B 70 37.26 -6.19 13.82
CA GLN B 70 38.39 -5.80 14.68
C GLN B 70 39.51 -4.91 14.05
N ASN B 71 39.63 -4.89 12.71
CA ASN B 71 40.48 -3.86 12.05
C ASN B 71 39.88 -2.44 11.96
N LYS B 72 38.65 -2.30 12.45
CA LYS B 72 37.84 -1.12 12.22
C LYS B 72 37.20 -0.61 13.51
N SER B 73 37.52 -1.20 14.68
CA SER B 73 36.72 -0.92 15.91
C SER B 73 37.56 -0.75 17.17
N ASN B 74 37.25 0.25 18.00
CA ASN B 74 37.84 0.29 19.34
C ASN B 74 36.88 -0.29 20.39
N TYR B 75 35.80 -0.91 19.93
CA TYR B 75 34.85 -1.59 20.84
C TYR B 75 34.22 -0.72 21.95
N SER B 76 34.24 0.60 21.74
CA SER B 76 33.49 1.50 22.60
C SER B 76 32.02 1.41 22.27
N ILE B 77 31.17 1.86 23.20
CA ILE B 77 29.74 1.82 22.97
C ILE B 77 29.45 2.57 21.67
N ASP B 78 30.21 3.63 21.45
CA ASP B 78 30.03 4.42 20.24
C ASP B 78 30.35 3.64 18.94
N ALA B 79 31.31 2.72 18.99
CA ALA B 79 31.63 1.90 17.81
C ALA B 79 30.56 0.81 17.55
N LEU B 80 29.69 0.54 18.52
CA LEU B 80 28.69 -0.50 18.31
C LEU B 80 27.75 -0.19 17.16
N TYR B 81 27.23 1.02 17.10
CA TYR B 81 26.40 1.38 15.94
C TYR B 81 27.05 1.02 14.61
N GLN B 82 28.34 1.37 14.44
CA GLN B 82 28.94 1.23 13.13
C GLN B 82 28.90 -0.24 12.78
N PHE B 83 29.16 -1.07 13.79
CA PHE B 83 29.20 -2.48 13.54
C PHE B 83 27.81 -3.01 13.10
N LEU B 84 26.76 -2.64 13.81
CA LEU B 84 25.41 -3.14 13.48
C LEU B 84 24.99 -2.58 12.08
N PHE B 85 25.31 -1.33 11.81
CA PHE B 85 25.10 -0.80 10.44
C PHE B 85 25.79 -1.65 9.36
N GLU B 86 27.08 -1.89 9.50
CA GLU B 86 27.84 -2.62 8.49
C GLU B 86 27.33 -4.03 8.28
N PHE B 87 26.76 -4.63 9.32
CA PHE B 87 26.27 -5.98 9.18
C PHE B 87 24.90 -5.97 8.48
N ILE B 88 24.06 -4.99 8.77
CA ILE B 88 22.69 -4.94 8.18
C ILE B 88 22.72 -4.26 6.79
N PHE B 89 23.49 -3.19 6.68
CA PHE B 89 23.53 -2.47 5.44
C PHE B 89 24.94 -2.59 4.80
N ASP B 90 25.34 -3.83 4.47
CA ASP B 90 26.62 -4.07 3.77
CA ASP B 90 26.60 -4.12 3.77
C ASP B 90 26.51 -3.70 2.32
N ILE B 91 27.59 -3.11 1.80
CA ILE B 91 27.70 -2.74 0.38
C ILE B 91 26.95 -3.72 -0.55
N GLU B 92 27.11 -5.00 -0.28
CA GLU B 92 26.43 -6.01 -1.09
C GLU B 92 25.27 -6.61 -0.35
N GLU B 93 24.07 -6.15 -0.69
CA GLU B 93 22.86 -6.54 0.02
C GLU B 93 22.35 -7.93 -0.33
N ARG B 94 22.82 -8.50 -1.42
CA ARG B 94 22.32 -9.83 -1.78
C ARG B 94 22.62 -10.89 -0.73
N TYR B 95 23.67 -10.67 0.07
CA TYR B 95 24.04 -11.69 1.06
C TYR B 95 23.03 -11.88 2.20
N ILE B 96 22.65 -10.78 2.86
CA ILE B 96 21.51 -10.80 3.81
C ILE B 96 20.23 -11.25 3.11
N ARG B 97 19.98 -10.78 1.88
CA ARG B 97 18.78 -11.24 1.19
CA ARG B 97 18.79 -11.24 1.18
C ARG B 97 18.86 -12.75 1.01
N MSE B 98 20.04 -13.26 0.74
CA MSE B 98 20.19 -14.67 0.64
C MSE B 98 19.97 -15.40 1.96
O MSE B 98 19.43 -16.44 2.00
CB MSE B 98 21.53 -15.06 0.08
CG MSE B 98 21.63 -16.50 0.12
SE MSE B 98 21.02 -17.40 -1.38
CE MSE B 98 22.75 -17.70 -1.91
N TYR B 99 20.47 -14.84 3.02
CA TYR B 99 20.35 -15.47 4.33
C TYR B 99 18.83 -15.61 4.64
N VAL B 100 18.03 -14.59 4.35
CA VAL B 100 16.60 -14.69 4.60
C VAL B 100 15.97 -15.84 3.77
N GLN B 101 16.41 -15.99 2.53
CA GLN B 101 15.98 -17.06 1.59
C GLN B 101 16.34 -18.48 2.05
N LEU B 102 17.28 -18.61 2.97
CA LEU B 102 17.62 -19.93 3.56
C LEU B 102 16.41 -20.65 4.08
N SER B 103 15.39 -19.87 4.40
CA SER B 103 14.14 -20.41 4.90
C SER B 103 13.41 -21.25 3.83
N ASN B 104 13.92 -21.23 2.59
CA ASN B 104 13.45 -22.09 1.50
C ASN B 104 14.35 -23.27 1.12
N THR B 105 15.36 -23.53 1.94
CA THR B 105 16.29 -24.64 1.71
C THR B 105 15.55 -25.98 1.61
N PRO B 106 15.95 -26.87 0.67
CA PRO B 106 15.44 -28.24 0.76
C PRO B 106 15.45 -28.72 2.22
N GLU B 107 14.28 -28.97 2.79
CA GLU B 107 14.26 -29.49 4.14
C GLU B 107 15.10 -30.77 4.12
N GLU B 108 15.27 -31.32 2.91
CA GLU B 108 16.14 -32.47 2.68
C GLU B 108 17.47 -32.30 3.40
N PHE B 109 18.29 -31.35 2.96
CA PHE B 109 19.52 -31.12 3.70
C PHE B 109 19.69 -29.76 4.34
N SER B 110 19.02 -29.62 5.47
CA SER B 110 19.02 -28.45 6.27
C SER B 110 20.01 -28.63 7.37
N GLY B 111 20.52 -29.82 7.58
CA GLY B 111 21.43 -30.00 8.68
C GLY B 111 22.73 -29.24 8.56
N ASN B 112 23.35 -29.32 7.43
CA ASN B 112 24.54 -28.59 7.28
C ASN B 112 24.26 -27.10 7.32
N ILE B 113 23.21 -26.65 6.68
CA ILE B 113 22.85 -25.24 6.68
C ILE B 113 22.52 -24.75 8.07
N TYR B 114 21.86 -25.58 8.85
CA TYR B 114 21.56 -25.26 10.20
C TYR B 114 22.81 -25.07 11.04
N GLY B 115 23.80 -25.90 10.79
CA GLY B 115 25.07 -25.74 11.49
C GLY B 115 25.69 -24.37 11.18
N GLN B 116 25.73 -24.00 9.89
CA GLN B 116 26.25 -22.68 9.46
C GLN B 116 25.52 -21.51 10.10
N ILE B 117 24.19 -21.58 10.16
CA ILE B 117 23.43 -20.60 10.90
C ILE B 117 23.83 -20.51 12.39
N GLN B 118 24.04 -21.65 13.05
CA GLN B 118 24.43 -21.60 14.46
C GLN B 118 25.83 -21.04 14.62
N ASP B 119 26.73 -21.47 13.72
CA ASP B 119 28.10 -20.97 13.73
C ASP B 119 28.13 -19.45 13.56
N LEU B 120 27.38 -18.94 12.58
CA LEU B 120 27.32 -17.48 12.37
C LEU B 120 26.76 -16.76 13.62
N ASN B 121 25.72 -17.31 14.22
CA ASN B 121 25.20 -16.71 15.45
C ASN B 121 26.23 -16.67 16.60
N GLN B 122 26.95 -17.77 16.81
CA GLN B 122 28.04 -17.84 17.80
C GLN B 122 29.07 -16.76 17.54
N SER B 123 29.46 -16.63 16.30
CA SER B 123 30.47 -15.66 15.94
C SER B 123 29.96 -14.23 16.14
N LEU B 124 28.74 -13.94 15.73
CA LEU B 124 28.13 -12.66 15.97
C LEU B 124 28.01 -12.37 17.49
N SER B 125 27.55 -13.35 18.28
CA SER B 125 27.45 -13.13 19.75
C SER B 125 28.82 -12.77 20.36
N LYS B 126 29.86 -13.47 19.91
CA LYS B 126 31.21 -13.22 20.39
C LYS B 126 31.71 -11.82 20.06
N GLU B 127 31.40 -11.35 18.85
CA GLU B 127 31.73 -9.98 18.49
C GLU B 127 30.93 -8.97 19.34
N ILE B 128 29.64 -9.21 19.51
CA ILE B 128 28.84 -8.31 20.35
C ILE B 128 29.39 -8.28 21.77
N ALA B 129 29.78 -9.44 22.29
CA ALA B 129 30.31 -9.48 23.66
C ALA B 129 31.55 -8.56 23.92
N LYS B 130 32.36 -8.31 22.87
CA LYS B 130 33.54 -7.44 22.99
C LYS B 130 33.17 -5.99 23.27
N PHE B 131 31.90 -5.64 23.02
CA PHE B 131 31.42 -4.26 23.26
C PHE B 131 30.89 -4.16 24.70
N TYR B 132 30.68 -5.30 25.36
CA TYR B 132 30.10 -5.27 26.73
C TYR B 132 31.05 -4.62 27.76
N ASP B 133 30.53 -3.69 28.55
CA ASP B 133 31.28 -3.08 29.62
C ASP B 133 30.36 -3.09 30.87
N GLU B 134 30.70 -3.90 31.86
CA GLU B 134 29.84 -4.12 33.02
C GLU B 134 29.57 -2.78 33.73
N SER B 135 30.58 -1.92 33.76
CA SER B 135 30.40 -0.67 34.49
C SER B 135 29.46 0.30 33.77
N LYS B 136 29.18 0.08 32.46
CA LYS B 136 28.36 1.02 31.67
C LYS B 136 26.97 0.49 31.28
N ILE B 137 26.79 -0.82 31.42
CA ILE B 137 25.64 -1.50 30.86
C ILE B 137 24.83 -2.09 31.99
N LYS B 138 23.55 -1.73 32.03
CA LYS B 138 22.70 -2.15 33.18
C LYS B 138 21.98 -3.50 32.99
N MSE B 139 22.77 -4.49 32.57
CA MSE B 139 22.28 -5.85 32.43
C MSE B 139 23.48 -6.75 32.27
O MSE B 139 24.63 -6.27 32.12
CB MSE B 139 21.29 -5.99 31.25
CG MSE B 139 21.94 -5.72 29.92
SE MSE B 139 20.66 -5.75 28.41
CE MSE B 139 19.55 -4.23 28.93
N THR B 140 23.26 -8.06 32.34
CA THR B 140 24.36 -9.00 32.25
C THR B 140 24.89 -9.06 30.84
N LYS B 141 26.10 -9.59 30.69
CA LYS B 141 26.67 -9.69 29.35
C LYS B 141 25.82 -10.64 28.47
N GLU B 142 25.26 -11.69 29.07
CA GLU B 142 24.40 -12.58 28.31
C GLU B 142 23.08 -11.93 27.86
N ASP B 143 22.46 -11.09 28.69
CA ASP B 143 21.23 -10.44 28.28
C ASP B 143 21.54 -9.38 27.22
N PHE B 144 22.66 -8.68 27.37
CA PHE B 144 23.08 -7.70 26.37
C PHE B 144 23.28 -8.41 25.00
N GLN B 145 23.96 -9.55 25.00
CA GLN B 145 24.15 -10.30 23.76
C GLN B 145 22.84 -10.69 23.11
N ASN B 146 21.93 -11.22 23.92
CA ASN B 146 20.63 -11.70 23.40
C ASN B 146 19.83 -10.55 22.84
N LEU B 147 19.87 -9.42 23.51
CA LEU B 147 19.12 -8.27 23.06
C LEU B 147 19.62 -7.79 21.69
N ILE B 148 20.95 -7.68 21.54
CA ILE B 148 21.51 -7.11 20.33
C ILE B 148 21.25 -8.11 19.23
N LEU B 149 21.43 -9.40 19.52
CA LEU B 149 21.17 -10.44 18.50
C LEU B 149 19.72 -10.38 18.00
N LEU B 150 18.75 -10.22 18.90
CA LEU B 150 17.37 -10.15 18.45
C LEU B 150 17.17 -8.86 17.67
N PHE B 151 17.80 -7.77 18.12
CA PHE B 151 17.69 -6.51 17.34
C PHE B 151 18.14 -6.77 15.87
N LEU B 152 19.28 -7.41 15.71
CA LEU B 152 19.82 -7.66 14.37
C LEU B 152 18.91 -8.60 13.59
N GLU B 153 18.39 -9.63 14.25
CA GLU B 153 17.46 -10.59 13.62
C GLU B 153 16.17 -9.91 13.11
N SER B 154 15.61 -8.97 13.87
CA SER B 154 14.45 -8.24 13.35
C SER B 154 14.82 -7.42 12.09
N TRP B 155 16.06 -6.97 11.99
CA TRP B 155 16.46 -6.14 10.89
C TRP B 155 16.79 -6.92 9.63
N TYR B 156 17.12 -8.20 9.70
CA TYR B 156 17.48 -8.87 8.45
C TYR B 156 16.28 -8.78 7.51
N LEU B 157 15.09 -9.12 7.99
CA LEU B 157 13.91 -9.02 7.12
C LEU B 157 13.60 -7.60 6.77
N LYS B 158 13.62 -6.69 7.75
CA LYS B 158 13.29 -5.28 7.44
C LYS B 158 14.21 -4.66 6.39
N ALA B 159 15.51 -4.96 6.47
CA ALA B 159 16.49 -4.51 5.46
C ALA B 159 16.27 -5.18 4.10
N SER B 160 15.97 -6.48 4.09
CA SER B 160 15.68 -7.15 2.82
C SER B 160 14.46 -6.54 2.15
N PHE B 161 13.38 -6.39 2.93
CA PHE B 161 12.17 -5.73 2.43
C PHE B 161 12.47 -4.34 1.84
N SER B 162 13.20 -3.49 2.57
CA SER B 162 13.42 -2.13 2.11
C SER B 162 14.23 -2.07 0.82
N GLN B 163 15.16 -3.01 0.68
CA GLN B 163 15.98 -3.13 -0.52
C GLN B 163 15.10 -3.54 -1.70
N LYS B 164 14.33 -4.59 -1.48
CA LYS B 164 13.47 -5.13 -2.51
C LYS B 164 12.42 -4.13 -2.97
N PHE B 165 11.88 -3.36 -2.02
CA PHE B 165 10.84 -2.40 -2.34
C PHE B 165 11.37 -0.97 -2.49
N GLY B 166 12.69 -0.82 -2.58
CA GLY B 166 13.27 0.48 -2.94
C GLY B 166 12.97 1.59 -1.94
N ALA B 167 13.04 1.26 -0.64
CA ALA B 167 12.84 2.23 0.42
C ALA B 167 14.04 2.20 1.36
N VAL B 168 15.24 2.09 0.81
CA VAL B 168 16.44 1.89 1.63
C VAL B 168 16.80 3.12 2.49
N GLU B 169 16.81 4.33 1.92
CA GLU B 169 17.13 5.50 2.74
C GLU B 169 16.15 5.66 3.90
N GLU B 170 14.87 5.42 3.66
CA GLU B 170 13.90 5.54 4.75
CA GLU B 170 13.81 5.42 4.71
C GLU B 170 14.20 4.48 5.83
N SER B 171 14.55 3.28 5.43
CA SER B 171 14.93 2.20 6.33
C SER B 171 16.20 2.51 7.16
N LYS B 172 17.26 2.99 6.52
CA LYS B 172 18.46 3.38 7.28
C LYS B 172 18.14 4.44 8.34
N SER B 173 17.27 5.37 8.00
CA SER B 173 16.87 6.37 8.97
C SER B 173 16.12 5.75 10.17
N GLN B 174 15.20 4.81 9.91
CA GLN B 174 14.53 4.14 10.99
C GLN B 174 15.52 3.35 11.86
N PHE B 175 16.47 2.67 11.21
CA PHE B 175 17.47 1.88 11.95
C PHE B 175 18.31 2.77 12.89
N LYS B 176 18.74 3.92 12.38
CA LYS B 176 19.52 4.87 13.16
C LYS B 176 18.74 5.32 14.42
N ASP B 177 17.45 5.65 14.26
CA ASP B 177 16.56 5.98 15.38
C ASP B 177 16.46 4.81 16.34
N GLU B 178 16.31 3.59 15.81
CA GLU B 178 16.15 2.43 16.69
C GLU B 178 17.43 2.02 17.46
N VAL B 179 18.62 2.25 16.90
CA VAL B 179 19.87 1.92 17.60
C VAL B 179 20.07 2.93 18.72
N TYR B 180 19.72 4.19 18.46
CA TYR B 180 19.76 5.24 19.48
C TYR B 180 18.97 4.79 20.69
N SER B 181 17.75 4.36 20.41
CA SER B 181 16.84 3.83 21.40
C SER B 181 17.36 2.58 22.13
N LEU B 182 17.95 1.68 21.36
CA LEU B 182 18.65 0.49 21.92
C LEU B 182 19.74 0.84 22.93
N LEU B 183 20.65 1.76 22.59
CA LEU B 183 21.68 2.24 23.50
C LEU B 183 21.00 2.83 24.75
N ASN B 184 19.94 3.60 24.53
CA ASN B 184 19.26 4.20 25.69
C ASN B 184 18.76 3.17 26.67
N ILE B 185 18.27 2.04 26.14
CA ILE B 185 17.72 0.99 26.96
C ILE B 185 18.80 0.38 27.84
N PHE B 186 19.96 0.07 27.25
CA PHE B 186 20.93 -0.69 28.07
C PHE B 186 22.02 0.15 28.78
N LEU B 187 22.19 1.44 28.45
CA LEU B 187 23.29 2.22 29.07
C LEU B 187 22.85 2.77 30.42
N LYS B 188 23.72 2.61 31.42
CA LYS B 188 23.51 3.22 32.74
C LYS B 188 23.65 4.75 32.56
N LYS B 189 22.82 5.53 33.26
CA LYS B 189 23.02 6.99 33.22
C LYS B 189 23.92 7.51 34.36
N SER C 1 -20.37 16.18 23.51
CA SER C 1 -21.15 17.31 22.92
C SER C 1 -20.62 18.65 23.41
N ASN C 2 -19.32 18.82 23.38
CA ASN C 2 -18.71 20.10 23.69
C ASN C 2 -18.91 21.06 22.51
N ALA C 3 -19.38 22.27 22.82
CA ALA C 3 -19.78 23.22 21.81
C ALA C 3 -18.56 23.72 21.06
N MSE C 4 -17.48 23.96 21.80
CA MSE C 4 -16.26 24.46 21.18
C MSE C 4 -15.66 23.31 20.35
O MSE C 4 -15.29 23.51 19.20
CB MSE C 4 -15.29 25.01 22.23
CG MSE C 4 -14.02 25.65 21.67
SE MSE C 4 -14.35 26.70 20.08
CE MSE C 4 -13.00 28.03 20.27
N LYS C 5 -15.64 22.10 20.89
CA LYS C 5 -15.15 20.96 20.11
C LYS C 5 -15.87 20.88 18.75
N ASP C 6 -17.21 20.93 18.79
CA ASP C 6 -18.03 20.84 17.57
C ASP C 6 -17.77 21.98 16.59
N LYS C 7 -17.47 23.15 17.13
CA LYS C 7 -17.19 24.32 16.32
C LYS C 7 -15.81 24.21 15.65
N ILE C 8 -14.81 23.77 16.40
CA ILE C 8 -13.49 23.45 15.80
C ILE C 8 -13.65 22.48 14.64
N ILE C 9 -14.41 21.41 14.82
CA ILE C 9 -14.58 20.47 13.73
C ILE C 9 -15.29 21.06 12.53
N ASP C 10 -16.37 21.78 12.80
CA ASP C 10 -17.14 22.37 11.70
C ASP C 10 -16.22 23.24 10.85
N ASN C 11 -15.45 24.10 11.50
CA ASN C 11 -14.46 24.93 10.81
C ASN C 11 -13.31 24.17 10.16
N ALA C 12 -12.87 23.05 10.75
CA ALA C 12 -11.74 22.29 10.19
C ALA C 12 -12.20 21.65 8.90
N ILE C 13 -13.45 21.23 8.86
CA ILE C 13 -14.02 20.67 7.64
C ILE C 13 -13.89 21.71 6.53
N THR C 14 -14.30 22.93 6.82
CA THR C 14 -14.20 23.99 5.82
C THR C 14 -12.76 24.16 5.37
N LEU C 15 -11.85 24.40 6.32
CA LEU C 15 -10.42 24.51 6.02
C LEU C 15 -9.80 23.31 5.32
N PHE C 16 -9.94 22.10 5.88
CA PHE C 16 -9.47 20.91 5.15
C PHE C 16 -10.08 20.78 3.70
N SER C 17 -11.35 21.16 3.49
CA SER C 17 -11.99 20.97 2.17
C SER C 17 -11.42 21.93 1.13
N GLU C 18 -11.00 23.11 1.61
CA GLU C 18 -10.36 24.11 0.77
C GLU C 18 -8.93 23.78 0.44
N LYS C 19 -8.12 23.64 1.46
CA LYS C 19 -6.69 23.42 1.24
C LYS C 19 -6.19 22.03 1.48
N GLY C 20 -7.03 21.11 1.96
CA GLY C 20 -6.50 19.79 2.33
C GLY C 20 -5.71 19.75 3.63
N TYR C 21 -5.22 18.57 3.98
CA TYR C 21 -4.62 18.30 5.28
C TYR C 21 -3.29 19.05 5.41
N ASP C 22 -2.41 18.91 4.42
CA ASP C 22 -1.05 19.47 4.51
C ASP C 22 -1.04 21.00 4.35
N GLY C 23 -2.03 21.53 3.65
CA GLY C 23 -2.16 22.98 3.50
C GLY C 23 -2.92 23.63 4.63
N THR C 24 -3.34 22.85 5.61
CA THR C 24 -4.09 23.40 6.74
C THR C 24 -3.29 23.24 8.02
N THR C 25 -3.07 24.34 8.74
CA THR C 25 -2.23 24.26 9.92
C THR C 25 -3.12 24.33 11.14
N LEU C 26 -2.61 23.86 12.27
CA LEU C 26 -3.29 24.14 13.56
C LEU C 26 -3.56 25.63 13.81
N ASP C 27 -2.58 26.48 13.48
CA ASP C 27 -2.78 27.93 13.54
C ASP C 27 -4.03 28.38 12.80
N ASP C 28 -4.23 27.88 11.56
CA ASP C 28 -5.39 28.20 10.70
C ASP C 28 -6.68 27.82 11.40
N ILE C 29 -6.70 26.61 11.93
CA ILE C 29 -7.90 26.12 12.57
C ILE C 29 -8.20 26.94 13.81
N ALA C 30 -7.18 27.22 14.62
CA ALA C 30 -7.41 28.00 15.85
C ALA C 30 -7.94 29.39 15.50
N LYS C 31 -7.30 30.01 14.51
CA LYS C 31 -7.70 31.34 14.07
C LYS C 31 -9.16 31.40 13.60
N SER C 32 -9.66 30.35 12.94
CA SER C 32 -11.03 30.35 12.41
C SER C 32 -12.09 30.29 13.48
N VAL C 33 -11.77 29.78 14.68
CA VAL C 33 -12.71 29.86 15.81
C VAL C 33 -12.24 30.92 16.79
N ASN C 34 -11.21 31.65 16.37
CA ASN C 34 -10.62 32.69 17.22
C ASN C 34 -10.33 32.21 18.64
N ILE C 35 -9.53 31.14 18.75
CA ILE C 35 -9.00 30.72 20.04
C ILE C 35 -7.48 30.61 19.92
N LYS C 36 -6.81 30.59 21.06
CA LYS C 36 -5.38 30.39 21.09
C LYS C 36 -5.07 28.98 20.66
N LYS C 37 -3.95 28.81 19.96
CA LYS C 37 -3.61 27.49 19.49
C LYS C 37 -3.63 26.47 20.67
N ALA C 38 -3.17 26.92 21.83
CA ALA C 38 -3.14 26.09 23.05
C ALA C 38 -4.51 25.50 23.37
N SER C 39 -5.56 26.30 23.16
CA SER C 39 -6.93 25.90 23.44
C SER C 39 -7.44 24.76 22.55
N LEU C 40 -6.84 24.58 21.38
CA LEU C 40 -7.13 23.40 20.57
C LEU C 40 -6.82 22.11 21.34
N TYR C 41 -5.71 22.14 22.07
CA TYR C 41 -5.24 21.01 22.88
C TYR C 41 -6.14 20.76 24.08
N TYR C 42 -6.95 21.77 24.49
CA TYR C 42 -8.04 21.52 25.44
C TYR C 42 -9.05 20.48 24.92
N HIS C 43 -9.08 20.28 23.60
CA HIS C 43 -10.11 19.47 22.93
C HIS C 43 -9.63 18.32 22.03
N PHE C 44 -8.36 18.37 21.62
CA PHE C 44 -7.76 17.39 20.72
C PHE C 44 -6.32 17.21 21.12
N ASP C 45 -5.73 16.07 20.79
CA ASP C 45 -4.36 15.88 21.22
C ASP C 45 -3.40 16.09 20.04
N SER C 46 -3.98 16.30 18.85
CA SER C 46 -3.20 16.36 17.60
C SER C 46 -3.99 16.83 16.40
N LYS C 47 -3.28 17.30 15.39
CA LYS C 47 -3.91 17.65 14.15
C LYS C 47 -4.59 16.44 13.52
N LYS C 48 -3.96 15.29 13.67
CA LYS C 48 -4.50 14.02 13.15
C LYS C 48 -5.91 13.74 13.68
N SER C 49 -6.11 13.90 15.00
CA SER C 49 -7.41 13.68 15.62
C SER C 49 -8.48 14.65 15.07
N ILE C 50 -8.10 15.90 14.87
CA ILE C 50 -9.00 16.85 14.20
C ILE C 50 -9.44 16.32 12.81
N TYR C 51 -8.49 15.92 11.98
CA TYR C 51 -8.85 15.38 10.64
C TYR C 51 -9.73 14.15 10.73
N GLU C 52 -9.29 13.17 11.50
CA GLU C 52 -10.14 12.00 11.73
C GLU C 52 -11.59 12.35 12.07
N GLN C 53 -11.78 13.25 13.03
CA GLN C 53 -13.14 13.61 13.43
C GLN C 53 -13.89 14.38 12.35
N SER C 54 -13.19 15.22 11.60
CA SER C 54 -13.80 15.96 10.47
C SER C 54 -14.22 14.99 9.35
N VAL C 55 -13.37 14.01 9.06
CA VAL C 55 -13.74 12.99 8.07
C VAL C 55 -15.01 12.25 8.48
N LYS C 56 -15.08 11.89 9.75
CA LYS C 56 -16.27 11.21 10.24
C LYS C 56 -17.54 12.07 10.12
N CYS C 57 -17.44 13.34 10.50
CA CYS C 57 -18.53 14.29 10.35
CA CYS C 57 -18.57 14.24 10.35
C CYS C 57 -18.95 14.41 8.88
N CYS C 58 -17.96 14.46 8.00
CA CYS C 58 -18.22 14.54 6.56
C CYS C 58 -19.03 13.33 6.07
N PHE C 59 -18.61 12.09 6.41
CA PHE C 59 -19.45 10.91 6.07
C PHE C 59 -20.82 10.87 6.73
N ASP C 60 -20.91 11.31 7.97
CA ASP C 60 -22.19 11.40 8.64
C ASP C 60 -23.13 12.26 7.81
N TYR C 61 -22.62 13.42 7.36
CA TYR C 61 -23.41 14.35 6.61
C TYR C 61 -23.82 13.71 5.28
N LEU C 62 -22.89 13.03 4.60
CA LEU C 62 -23.22 12.44 3.31
C LEU C 62 -24.18 11.27 3.47
N ASN C 63 -23.94 10.41 4.46
CA ASN C 63 -24.90 9.36 4.73
C ASN C 63 -26.30 9.84 5.07
N ASN C 64 -26.41 10.97 5.76
CA ASN C 64 -27.73 11.52 6.10
C ASN C 64 -28.57 11.92 4.87
N ILE C 65 -27.94 12.33 3.78
CA ILE C 65 -28.67 12.52 2.51
C ILE C 65 -29.58 11.33 2.11
N ILE C 66 -29.07 10.12 2.32
CA ILE C 66 -29.80 8.88 2.09
C ILE C 66 -30.94 8.70 3.09
N MSE C 67 -30.66 8.93 4.36
CA MSE C 67 -31.72 8.96 5.35
CA MSE C 67 -31.74 8.90 5.33
C MSE C 67 -32.84 9.93 4.97
O MSE C 67 -34.02 9.56 4.96
CB MSE C 67 -31.16 9.39 6.70
CB MSE C 67 -31.19 9.09 6.75
CG MSE C 67 -32.12 10.30 7.44
CG MSE C 67 -30.06 8.12 7.10
SE MSE C 67 -32.55 9.50 9.13
SE MSE C 67 -30.56 6.21 7.21
CE MSE C 67 -32.44 7.62 8.60
CE MSE C 67 -31.91 6.34 8.62
N MSE C 68 -32.46 11.17 4.66
CA MSE C 68 -33.43 12.21 4.31
CA MSE C 68 -33.43 12.19 4.31
C MSE C 68 -34.33 11.75 3.16
O MSE C 68 -35.52 12.02 3.15
CB MSE C 68 -32.75 13.53 3.92
CB MSE C 68 -32.76 13.52 3.93
CG MSE C 68 -31.70 14.07 4.90
CG MSE C 68 -32.04 14.23 5.08
SE MSE C 68 -32.39 15.12 6.40
SE MSE C 68 -31.18 15.86 4.43
CE MSE C 68 -31.23 16.68 6.25
CE MSE C 68 -32.79 16.90 4.08
N ASN C 69 -33.74 11.07 2.17
CA ASN C 69 -34.57 10.52 1.10
C ASN C 69 -35.63 9.52 1.61
N GLN C 70 -35.23 8.54 2.42
CA GLN C 70 -36.24 7.65 3.04
C GLN C 70 -37.39 8.37 3.76
N ASN C 71 -37.11 9.47 4.43
CA ASN C 71 -38.14 10.22 5.15
C ASN C 71 -39.37 10.55 4.29
N LYS C 72 -39.14 10.92 3.03
CA LYS C 72 -40.24 11.25 2.09
C LYS C 72 -41.15 10.07 1.80
N SER C 73 -40.71 8.87 2.19
CA SER C 73 -41.40 7.62 1.84
C SER C 73 -41.90 7.65 0.40
N ASN C 74 -41.03 7.97 -0.55
CA ASN C 74 -41.49 8.13 -1.92
C ASN C 74 -40.46 7.75 -2.98
N TYR C 75 -40.83 6.74 -3.76
CA TYR C 75 -39.90 6.11 -4.68
C TYR C 75 -40.45 6.08 -6.08
N SER C 76 -41.39 6.99 -6.37
CA SER C 76 -41.86 7.17 -7.75
C SER C 76 -40.73 7.67 -8.70
N ILE C 77 -41.00 7.59 -9.99
CA ILE C 77 -40.06 8.18 -10.96
C ILE C 77 -39.91 9.70 -10.69
N ASP C 78 -41.02 10.42 -10.47
CA ASP C 78 -40.91 11.84 -10.11
CA ASP C 78 -40.96 11.85 -10.03
C ASP C 78 -39.95 12.03 -8.93
N ALA C 79 -40.10 11.19 -7.91
CA ALA C 79 -39.22 11.23 -6.74
C ALA C 79 -37.75 10.90 -7.07
N LEU C 80 -37.53 9.99 -8.01
CA LEU C 80 -36.18 9.74 -8.43
C LEU C 80 -35.55 11.03 -9.02
N TYR C 81 -36.28 11.72 -9.88
CA TYR C 81 -35.72 12.95 -10.47
C TYR C 81 -35.45 13.99 -9.37
N GLN C 82 -36.36 14.07 -8.40
CA GLN C 82 -36.15 14.95 -7.25
C GLN C 82 -34.94 14.54 -6.41
N PHE C 83 -34.77 13.24 -6.16
CA PHE C 83 -33.52 12.75 -5.54
C PHE C 83 -32.24 13.20 -6.24
N LEU C 84 -32.18 13.06 -7.56
CA LEU C 84 -30.99 13.46 -8.31
C LEU C 84 -30.73 14.97 -8.17
N PHE C 85 -31.80 15.76 -8.31
CA PHE C 85 -31.72 17.22 -8.12
C PHE C 85 -31.11 17.58 -6.75
N GLU C 86 -31.64 16.96 -5.70
CA GLU C 86 -31.17 17.24 -4.35
C GLU C 86 -29.71 16.82 -4.12
N PHE C 87 -29.31 15.65 -4.62
CA PHE C 87 -27.91 15.23 -4.55
C PHE C 87 -26.99 16.32 -5.19
N ILE C 88 -27.32 16.70 -6.41
CA ILE C 88 -26.47 17.65 -7.14
C ILE C 88 -26.55 19.05 -6.49
N PHE C 89 -27.77 19.52 -6.18
CA PHE C 89 -27.92 20.93 -5.77
C PHE C 89 -27.75 21.17 -4.25
N ASP C 90 -28.18 20.20 -3.43
CA ASP C 90 -28.34 20.44 -2.00
C ASP C 90 -27.23 19.88 -1.11
N ILE C 91 -26.40 19.02 -1.68
CA ILE C 91 -25.17 18.66 -0.96
C ILE C 91 -24.17 19.82 -0.91
N GLU C 92 -23.87 20.33 0.28
CA GLU C 92 -22.99 21.50 0.38
C GLU C 92 -21.63 21.16 -0.19
N GLU C 93 -21.13 22.11 -0.97
CA GLU C 93 -19.87 21.92 -1.67
C GLU C 93 -18.73 21.51 -0.77
N ARG C 94 -18.66 22.02 0.46
CA ARG C 94 -17.44 21.71 1.24
C ARG C 94 -17.38 20.22 1.59
N TYR C 95 -18.53 19.59 1.75
CA TYR C 95 -18.50 18.12 2.00
C TYR C 95 -18.05 17.33 0.80
N ILE C 96 -18.44 17.76 -0.39
CA ILE C 96 -17.97 17.06 -1.58
C ILE C 96 -16.48 17.28 -1.74
N ARG C 97 -16.04 18.52 -1.56
CA ARG C 97 -14.62 18.77 -1.56
C ARG C 97 -13.83 18.01 -0.50
N MSE C 98 -14.40 17.90 0.70
CA MSE C 98 -13.73 17.11 1.77
C MSE C 98 -13.54 15.64 1.30
O MSE C 98 -12.46 15.07 1.46
CB MSE C 98 -14.58 17.15 3.03
CG MSE C 98 -14.03 16.44 4.27
SE MSE C 98 -12.43 17.33 4.91
CE MSE C 98 -11.89 15.97 6.23
N TYR C 99 -14.60 15.04 0.76
CA TYR C 99 -14.58 13.69 0.18
C TYR C 99 -13.48 13.51 -0.85
N VAL C 100 -13.37 14.47 -1.75
CA VAL C 100 -12.30 14.42 -2.76
C VAL C 100 -10.91 14.53 -2.12
N GLN C 101 -10.81 15.35 -1.06
CA GLN C 101 -9.54 15.53 -0.35
C GLN C 101 -9.00 14.23 0.20
N LEU C 102 -9.87 13.26 0.44
CA LEU C 102 -9.49 11.92 0.97
C LEU C 102 -8.46 11.22 0.11
N SER C 103 -8.56 11.49 -1.19
CA SER C 103 -7.69 10.93 -2.21
C SER C 103 -6.34 11.62 -2.11
N ASN C 104 -6.42 12.89 -1.75
CA ASN C 104 -5.31 13.82 -1.91
C ASN C 104 -4.44 13.98 -0.67
N THR C 105 -4.88 13.34 0.41
CA THR C 105 -4.20 13.49 1.70
C THR C 105 -3.28 12.32 1.93
N PRO C 106 -1.96 12.56 1.87
CA PRO C 106 -1.01 11.42 1.81
C PRO C 106 -0.73 10.74 3.17
N GLU C 107 -1.13 11.36 4.27
CA GLU C 107 -0.88 10.74 5.57
C GLU C 107 -1.75 9.52 5.88
N GLU C 108 -1.45 8.88 7.02
CA GLU C 108 -2.09 7.70 7.54
C GLU C 108 -3.10 8.11 8.57
N PHE C 109 -4.27 7.48 8.57
CA PHE C 109 -5.24 7.72 9.64
C PHE C 109 -5.91 6.46 10.18
N SER C 110 -6.42 6.58 11.40
CA SER C 110 -7.17 5.51 12.03
C SER C 110 -8.61 5.52 11.49
N GLY C 111 -9.40 4.49 11.79
CA GLY C 111 -10.85 4.50 11.48
C GLY C 111 -11.25 4.33 10.02
N ASN C 112 -10.42 3.54 9.31
CA ASN C 112 -10.70 2.98 7.99
C ASN C 112 -11.41 3.88 7.00
N ILE C 113 -10.68 4.88 6.54
CA ILE C 113 -11.22 5.85 5.57
C ILE C 113 -11.78 5.19 4.31
N TYR C 114 -11.07 4.22 3.74
CA TYR C 114 -11.56 3.55 2.53
C TYR C 114 -12.85 2.78 2.80
N GLY C 115 -12.92 2.17 3.99
CA GLY C 115 -14.13 1.49 4.43
C GLY C 115 -15.32 2.44 4.42
N GLN C 116 -15.12 3.69 4.86
CA GLN C 116 -16.23 4.64 4.85
C GLN C 116 -16.59 5.00 3.42
N ILE C 117 -15.59 5.13 2.56
CA ILE C 117 -15.83 5.42 1.13
C ILE C 117 -16.69 4.30 0.47
N GLN C 118 -16.31 3.03 0.67
CA GLN C 118 -17.04 1.90 0.08
C GLN C 118 -18.43 1.72 0.71
N ASP C 119 -18.55 1.95 2.02
CA ASP C 119 -19.88 1.90 2.67
C ASP C 119 -20.85 2.92 2.07
N LEU C 120 -20.38 4.15 1.89
CA LEU C 120 -21.19 5.21 1.28
C LEU C 120 -21.70 4.76 -0.08
N ASN C 121 -20.79 4.22 -0.91
CA ASN C 121 -21.20 3.68 -2.20
C ASN C 121 -22.28 2.60 -2.06
N GLN C 122 -22.05 1.69 -1.13
CA GLN C 122 -22.99 0.57 -1.00
C GLN C 122 -24.36 1.05 -0.51
N SER C 123 -24.33 2.01 0.41
CA SER C 123 -25.57 2.61 0.92
C SER C 123 -26.32 3.38 -0.14
N LEU C 124 -25.57 4.13 -0.95
CA LEU C 124 -26.17 4.90 -2.05
C LEU C 124 -26.79 3.92 -3.05
N SER C 125 -26.05 2.88 -3.43
CA SER C 125 -26.60 1.81 -4.26
C SER C 125 -27.90 1.16 -3.73
N LYS C 126 -27.95 0.81 -2.44
CA LYS C 126 -29.15 0.23 -1.81
C LYS C 126 -30.33 1.20 -1.86
N GLU C 127 -30.08 2.47 -1.63
CA GLU C 127 -31.16 3.47 -1.69
C GLU C 127 -31.68 3.67 -3.14
N ILE C 128 -30.74 3.79 -4.08
CA ILE C 128 -31.04 3.88 -5.51
C ILE C 128 -31.92 2.72 -5.97
N ALA C 129 -31.62 1.51 -5.49
CA ALA C 129 -32.36 0.34 -5.95
C ALA C 129 -33.85 0.42 -5.65
N LYS C 130 -34.19 1.18 -4.61
CA LYS C 130 -35.58 1.37 -4.22
C LYS C 130 -36.48 2.03 -5.26
N PHE C 131 -35.86 2.80 -6.15
CA PHE C 131 -36.55 3.49 -7.23
C PHE C 131 -36.77 2.63 -8.45
N TYR C 132 -36.15 1.44 -8.48
CA TYR C 132 -36.29 0.61 -9.64
C TYR C 132 -37.72 0.10 -9.84
N ASP C 133 -38.28 0.36 -11.02
CA ASP C 133 -39.63 -0.09 -11.35
C ASP C 133 -39.64 -0.62 -12.78
N GLU C 134 -39.60 -1.94 -12.91
CA GLU C 134 -39.53 -2.59 -14.21
CA GLU C 134 -39.56 -2.63 -14.19
C GLU C 134 -40.62 -2.10 -15.16
N SER C 135 -41.75 -1.67 -14.61
CA SER C 135 -42.85 -1.25 -15.45
C SER C 135 -42.66 0.15 -15.99
N LYS C 136 -41.70 0.88 -15.43
CA LYS C 136 -41.46 2.27 -15.79
C LYS C 136 -40.08 2.50 -16.47
N ILE C 137 -39.18 1.52 -16.35
CA ILE C 137 -37.77 1.71 -16.70
C ILE C 137 -37.33 0.62 -17.67
N LYS C 138 -36.82 1.03 -18.83
CA LYS C 138 -36.51 0.12 -19.93
C LYS C 138 -35.10 -0.39 -19.82
N MSE C 139 -34.77 -0.98 -18.67
CA MSE C 139 -33.45 -1.58 -18.47
C MSE C 139 -33.57 -2.49 -17.25
O MSE C 139 -34.56 -2.43 -16.55
CB MSE C 139 -32.40 -0.48 -18.23
CG MSE C 139 -32.57 0.31 -16.93
SE MSE C 139 -31.85 2.19 -16.89
CE MSE C 139 -30.14 1.74 -17.55
N THR C 140 -32.57 -3.33 -17.04
CA THR C 140 -32.53 -4.23 -15.86
C THR C 140 -32.24 -3.47 -14.55
N LYS C 141 -32.59 -4.08 -13.42
CA LYS C 141 -32.25 -3.47 -12.14
C LYS C 141 -30.75 -3.15 -12.02
N GLU C 142 -29.92 -4.12 -12.42
CA GLU C 142 -28.46 -3.96 -12.35
CA GLU C 142 -28.49 -4.00 -12.35
C GLU C 142 -28.03 -2.76 -13.15
N ASP C 143 -28.54 -2.65 -14.37
CA ASP C 143 -28.10 -1.56 -15.25
C ASP C 143 -28.65 -0.23 -14.77
N PHE C 144 -29.88 -0.24 -14.28
CA PHE C 144 -30.43 0.97 -13.62
C PHE C 144 -29.54 1.49 -12.45
N GLN C 145 -29.20 0.60 -11.53
CA GLN C 145 -28.29 0.94 -10.39
C GLN C 145 -26.99 1.57 -10.86
N ASN C 146 -26.38 0.93 -11.84
CA ASN C 146 -25.09 1.41 -12.37
C ASN C 146 -25.21 2.76 -13.06
N LEU C 147 -26.30 2.99 -13.79
CA LEU C 147 -26.51 4.29 -14.41
C LEU C 147 -26.69 5.40 -13.34
N ILE C 148 -27.53 5.16 -12.35
CA ILE C 148 -27.76 6.20 -11.34
C ILE C 148 -26.45 6.45 -10.56
N LEU C 149 -25.74 5.36 -10.23
CA LEU C 149 -24.47 5.50 -9.53
C LEU C 149 -23.46 6.27 -10.30
N LEU C 150 -23.35 6.04 -11.62
CA LEU C 150 -22.40 6.82 -12.36
C LEU C 150 -22.75 8.31 -12.39
N PHE C 151 -24.04 8.66 -12.41
CA PHE C 151 -24.45 10.06 -12.27
C PHE C 151 -23.91 10.66 -10.95
N LEU C 152 -24.21 9.98 -9.86
CA LEU C 152 -23.90 10.53 -8.55
C LEU C 152 -22.37 10.57 -8.33
N GLU C 153 -21.66 9.53 -8.75
CA GLU C 153 -20.25 9.45 -8.45
C GLU C 153 -19.37 10.23 -9.41
N SER C 154 -19.91 10.57 -10.59
CA SER C 154 -19.21 11.50 -11.50
C SER C 154 -19.39 12.93 -10.96
N TRP C 155 -20.43 13.17 -10.19
CA TRP C 155 -20.67 14.54 -9.64
C TRP C 155 -19.56 14.98 -8.69
N TYR C 156 -19.01 14.06 -7.90
CA TYR C 156 -18.05 14.41 -6.86
C TYR C 156 -16.92 15.21 -7.45
N LEU C 157 -16.26 14.66 -8.48
CA LEU C 157 -15.10 15.33 -9.00
C LEU C 157 -15.47 16.58 -9.78
N LYS C 158 -16.58 16.53 -10.52
CA LYS C 158 -17.08 17.73 -11.24
C LYS C 158 -17.36 18.89 -10.27
N ALA C 159 -18.04 18.58 -9.18
CA ALA C 159 -18.35 19.62 -8.18
C ALA C 159 -17.06 20.18 -7.58
N SER C 160 -16.13 19.29 -7.21
CA SER C 160 -14.86 19.73 -6.60
C SER C 160 -14.09 20.65 -7.52
N PHE C 161 -13.93 20.26 -8.79
CA PHE C 161 -13.33 21.16 -9.77
C PHE C 161 -14.10 22.47 -9.99
N SER C 162 -15.43 22.45 -9.88
CA SER C 162 -16.14 23.68 -10.23
C SER C 162 -15.79 24.80 -9.24
N GLN C 163 -15.58 24.46 -7.98
CA GLN C 163 -15.20 25.48 -6.99
C GLN C 163 -13.87 26.16 -7.36
N LYS C 164 -12.87 25.35 -7.75
CA LYS C 164 -11.57 25.88 -8.19
C LYS C 164 -11.68 26.64 -9.48
N PHE C 165 -12.20 25.93 -10.47
CA PHE C 165 -12.17 26.40 -11.83
C PHE C 165 -13.54 26.97 -12.11
N GLY C 166 -13.97 27.94 -11.31
CA GLY C 166 -15.11 28.79 -11.71
C GLY C 166 -16.43 28.70 -10.96
N ALA C 167 -17.38 27.89 -11.44
CA ALA C 167 -18.77 28.17 -11.10
C ALA C 167 -19.64 27.02 -10.63
N VAL C 168 -19.77 26.92 -9.32
CA VAL C 168 -20.52 25.85 -8.71
C VAL C 168 -21.97 25.81 -9.18
N GLU C 169 -22.67 26.96 -9.18
CA GLU C 169 -24.11 26.91 -9.49
C GLU C 169 -24.36 26.60 -10.96
N GLU C 170 -23.55 27.18 -11.84
CA GLU C 170 -23.65 26.90 -13.26
C GLU C 170 -23.40 25.40 -13.52
N SER C 171 -22.45 24.82 -12.82
CA SER C 171 -22.13 23.43 -13.02
C SER C 171 -23.26 22.51 -12.55
N LYS C 172 -23.88 22.84 -11.41
CA LYS C 172 -25.07 22.13 -10.94
C LYS C 172 -26.16 22.08 -12.01
N SER C 173 -26.50 23.23 -12.55
CA SER C 173 -27.55 23.35 -13.51
C SER C 173 -27.23 22.58 -14.80
N GLN C 174 -25.99 22.71 -15.27
CA GLN C 174 -25.57 22.04 -16.52
C GLN C 174 -25.56 20.51 -16.33
N PHE C 175 -24.99 20.09 -15.22
CA PHE C 175 -24.90 18.64 -14.90
C PHE C 175 -26.30 18.01 -14.71
N LYS C 176 -27.19 18.71 -14.02
CA LYS C 176 -28.55 18.23 -13.83
C LYS C 176 -29.27 18.05 -15.14
N ASP C 177 -29.17 19.02 -16.03
CA ASP C 177 -29.75 18.86 -17.35
C ASP C 177 -29.14 17.68 -18.12
N GLU C 178 -27.81 17.52 -18.02
CA GLU C 178 -27.13 16.37 -18.67
C GLU C 178 -27.66 15.02 -18.14
N VAL C 179 -27.67 14.89 -16.82
CA VAL C 179 -28.13 13.69 -16.17
C VAL C 179 -29.61 13.43 -16.51
N TYR C 180 -30.46 14.46 -16.49
CA TYR C 180 -31.89 14.25 -16.84
C TYR C 180 -32.04 13.73 -18.27
N SER C 181 -31.26 14.29 -19.18
CA SER C 181 -31.35 13.88 -20.57
C SER C 181 -30.97 12.39 -20.77
N LEU C 182 -29.94 11.92 -20.09
CA LEU C 182 -29.56 10.53 -20.16
C LEU C 182 -30.64 9.63 -19.54
N LEU C 183 -31.09 9.97 -18.34
CA LEU C 183 -32.09 9.16 -17.68
C LEU C 183 -33.40 9.11 -18.52
N ASN C 184 -33.76 10.22 -19.16
CA ASN C 184 -34.99 10.27 -19.97
C ASN C 184 -34.99 9.19 -21.05
N ILE C 185 -33.81 8.82 -21.55
CA ILE C 185 -33.72 7.72 -22.55
C ILE C 185 -34.42 6.41 -22.12
N PHE C 186 -34.39 6.14 -20.83
CA PHE C 186 -34.85 4.89 -20.28
C PHE C 186 -36.22 4.89 -19.63
N LEU C 187 -36.88 6.04 -19.63
CA LEU C 187 -38.24 6.11 -19.08
C LEU C 187 -39.23 5.66 -20.13
N LYS C 188 -40.03 4.65 -19.82
CA LYS C 188 -41.05 4.23 -20.76
C LYS C 188 -41.94 5.44 -21.07
N LYS C 189 -41.82 5.93 -22.30
CA LYS C 189 -42.54 7.12 -22.77
C LYS C 189 -43.61 6.72 -23.77
N SER D 1 15.44 17.06 -22.73
CA SER D 1 16.78 17.58 -23.15
C SER D 1 17.78 17.53 -21.99
N ASN D 2 17.51 18.29 -20.94
CA ASN D 2 18.36 18.32 -19.76
C ASN D 2 18.07 17.11 -18.87
N ALA D 3 19.03 16.19 -18.77
CA ALA D 3 18.82 14.96 -18.01
C ALA D 3 18.34 15.21 -16.58
N MSE D 4 19.05 16.06 -15.85
CA MSE D 4 18.72 16.32 -14.45
C MSE D 4 17.38 17.01 -14.30
O MSE D 4 16.62 16.69 -13.39
CB MSE D 4 19.82 17.15 -13.76
CG MSE D 4 19.52 17.50 -12.32
SE MSE D 4 19.18 15.93 -11.17
CE MSE D 4 19.84 16.58 -9.46
N LYS D 5 17.07 17.93 -15.20
CA LYS D 5 15.79 18.62 -15.17
C LYS D 5 14.64 17.65 -15.40
N ASP D 6 14.80 16.75 -16.38
CA ASP D 6 13.79 15.76 -16.65
C ASP D 6 13.62 14.80 -15.48
N LYS D 7 14.73 14.46 -14.83
CA LYS D 7 14.63 13.59 -13.67
C LYS D 7 13.94 14.27 -12.48
N ILE D 8 14.23 15.55 -12.25
CA ILE D 8 13.58 16.29 -11.16
C ILE D 8 12.09 16.32 -11.43
N ILE D 9 11.71 16.70 -12.65
CA ILE D 9 10.29 16.74 -13.01
C ILE D 9 9.73 15.34 -12.82
N ASP D 10 10.41 14.31 -13.32
CA ASP D 10 9.81 12.98 -13.26
C ASP D 10 9.53 12.60 -11.81
N ASN D 11 10.48 12.85 -10.92
CA ASN D 11 10.27 12.61 -9.48
C ASN D 11 9.20 13.49 -8.81
N ALA D 12 9.16 14.76 -9.21
CA ALA D 12 8.14 15.68 -8.69
C ALA D 12 6.72 15.22 -9.02
N ILE D 13 6.51 14.68 -10.22
CA ILE D 13 5.16 14.23 -10.61
C ILE D 13 4.72 13.16 -9.61
N THR D 14 5.62 12.23 -9.29
CA THR D 14 5.31 11.18 -8.32
C THR D 14 4.95 11.78 -6.95
N LEU D 15 5.81 12.65 -6.43
CA LEU D 15 5.55 13.33 -5.18
C LEU D 15 4.26 14.14 -5.19
N PHE D 16 4.05 14.99 -6.21
CA PHE D 16 2.82 15.79 -6.28
C PHE D 16 1.63 14.88 -6.35
N SER D 17 1.74 13.81 -7.13
CA SER D 17 0.56 12.97 -7.29
C SER D 17 0.13 12.35 -5.95
N GLU D 18 1.09 12.09 -5.07
CA GLU D 18 0.77 11.56 -3.74
C GLU D 18 0.41 12.61 -2.70
N LYS D 19 1.12 13.73 -2.70
CA LYS D 19 1.05 14.67 -1.58
C LYS D 19 0.49 16.02 -1.96
N GLY D 20 0.33 16.24 -3.26
CA GLY D 20 -0.17 17.51 -3.75
C GLY D 20 0.89 18.59 -3.59
N TYR D 21 0.53 19.80 -3.96
CA TYR D 21 1.43 20.97 -3.91
C TYR D 21 1.90 21.34 -2.49
N ASP D 22 0.95 21.45 -1.58
CA ASP D 22 1.25 21.91 -0.23
C ASP D 22 1.95 20.85 0.61
N GLY D 23 1.90 19.59 0.14
CA GLY D 23 2.43 18.47 0.90
C GLY D 23 3.80 18.06 0.41
N THR D 24 4.22 18.66 -0.70
CA THR D 24 5.51 18.29 -1.29
C THR D 24 6.43 19.45 -1.02
N THR D 25 7.62 19.20 -0.45
CA THR D 25 8.53 20.27 -0.18
C THR D 25 9.75 20.22 -1.12
N LEU D 26 10.42 21.36 -1.30
CA LEU D 26 11.63 21.34 -2.16
C LEU D 26 12.64 20.32 -1.67
N ASP D 27 12.69 20.13 -0.35
CA ASP D 27 13.57 19.12 0.27
C ASP D 27 13.24 17.69 -0.22
N ASP D 28 11.94 17.36 -0.25
CA ASP D 28 11.44 16.09 -0.76
C ASP D 28 11.94 15.88 -2.17
N ILE D 29 11.72 16.89 -2.99
CA ILE D 29 12.12 16.85 -4.40
C ILE D 29 13.65 16.68 -4.55
N ALA D 30 14.42 17.45 -3.78
CA ALA D 30 15.89 17.35 -3.82
C ALA D 30 16.35 15.97 -3.40
N LYS D 31 15.81 15.50 -2.28
CA LYS D 31 16.18 14.20 -1.74
C LYS D 31 15.86 13.09 -2.73
N SER D 32 14.72 13.19 -3.40
CA SER D 32 14.33 12.19 -4.40
C SER D 32 15.36 12.03 -5.53
N VAL D 33 16.05 13.10 -5.92
CA VAL D 33 17.08 12.99 -6.95
C VAL D 33 18.45 13.01 -6.32
N ASN D 34 18.48 13.03 -4.99
CA ASN D 34 19.73 12.95 -4.27
C ASN D 34 20.67 14.13 -4.53
N ILE D 35 20.12 15.33 -4.64
CA ILE D 35 20.92 16.55 -4.71
C ILE D 35 20.65 17.43 -3.48
N LYS D 36 21.47 18.46 -3.31
CA LYS D 36 21.26 19.46 -2.27
C LYS D 36 20.07 20.34 -2.69
N LYS D 37 19.32 20.89 -1.74
CA LYS D 37 18.20 21.76 -2.09
C LYS D 37 18.56 22.92 -3.02
N ALA D 38 19.75 23.52 -2.81
CA ALA D 38 20.18 24.66 -3.63
C ALA D 38 20.48 24.32 -5.10
N SER D 39 20.86 23.07 -5.37
CA SER D 39 21.08 22.61 -6.75
C SER D 39 19.79 22.58 -7.54
N LEU D 40 18.65 22.63 -6.86
CA LEU D 40 17.38 22.69 -7.57
C LEU D 40 17.28 23.97 -8.36
N TYR D 41 17.86 25.04 -7.81
CA TYR D 41 17.67 26.36 -8.37
C TYR D 41 18.50 26.57 -9.62
N TYR D 42 19.43 25.64 -9.85
CA TYR D 42 20.22 25.60 -11.07
C TYR D 42 19.32 25.22 -12.24
N HIS D 43 18.18 24.60 -11.93
CA HIS D 43 17.33 24.00 -12.94
C HIS D 43 15.95 24.62 -12.98
N PHE D 44 15.51 25.12 -11.83
CA PHE D 44 14.18 25.71 -11.76
C PHE D 44 14.20 26.97 -10.88
N ASP D 45 13.35 27.94 -11.22
CA ASP D 45 13.20 29.18 -10.43
C ASP D 45 12.65 28.89 -9.03
N SER D 46 11.71 27.96 -8.93
CA SER D 46 10.91 27.82 -7.72
C SER D 46 10.12 26.52 -7.67
N LYS D 47 9.49 26.27 -6.53
CA LYS D 47 8.57 25.13 -6.47
C LYS D 47 7.39 25.29 -7.44
N LYS D 48 6.88 26.51 -7.56
CA LYS D 48 5.75 26.77 -8.46
C LYS D 48 6.13 26.41 -9.89
N SER D 49 7.30 26.83 -10.31
CA SER D 49 7.82 26.47 -11.61
CA SER D 49 7.82 26.48 -11.62
C SER D 49 7.83 24.96 -11.81
N ILE D 50 8.37 24.23 -10.83
CA ILE D 50 8.43 22.77 -10.90
C ILE D 50 7.02 22.14 -11.02
N TYR D 51 6.08 22.68 -10.27
CA TYR D 51 4.71 22.26 -10.33
C TYR D 51 4.05 22.54 -11.65
N GLU D 52 4.22 23.71 -12.19
CA GLU D 52 3.61 24.00 -13.45
C GLU D 52 4.14 23.07 -14.51
N GLN D 53 5.43 22.81 -14.50
CA GLN D 53 6.03 21.88 -15.46
C GLN D 53 5.57 20.44 -15.31
N SER D 54 5.52 19.99 -14.10
CA SER D 54 4.96 18.64 -13.79
C SER D 54 3.51 18.50 -14.24
N VAL D 55 2.70 19.52 -13.95
CA VAL D 55 1.31 19.48 -14.41
C VAL D 55 1.23 19.32 -15.94
N LYS D 56 2.03 20.09 -16.67
CA LYS D 56 2.04 20.06 -18.15
C LYS D 56 2.47 18.69 -18.68
N CYS D 57 3.55 18.14 -18.12
CA CYS D 57 3.95 16.77 -18.42
C CYS D 57 2.83 15.75 -18.19
N CYS D 58 2.06 15.95 -17.13
CA CYS D 58 0.93 15.09 -16.80
CA CYS D 58 0.95 15.05 -16.83
C CYS D 58 -0.11 15.10 -17.94
N PHE D 59 -0.45 16.29 -18.39
CA PHE D 59 -1.42 16.43 -19.47
C PHE D 59 -0.86 15.88 -20.78
N ASP D 60 0.43 16.13 -21.01
CA ASP D 60 1.09 15.55 -22.20
C ASP D 60 0.91 14.02 -22.20
N TYR D 61 1.17 13.40 -21.06
CA TYR D 61 1.10 11.97 -20.94
C TYR D 61 -0.30 11.45 -21.22
N LEU D 62 -1.29 12.06 -20.59
CA LEU D 62 -2.68 11.60 -20.76
C LEU D 62 -3.18 11.87 -22.17
N ASN D 63 -2.84 13.04 -22.73
CA ASN D 63 -3.22 13.28 -24.12
C ASN D 63 -2.56 12.23 -25.06
N ASN D 64 -1.33 11.82 -24.73
CA ASN D 64 -0.62 10.89 -25.56
C ASN D 64 -1.28 9.54 -25.56
N ILE D 65 -1.81 9.15 -24.42
CA ILE D 65 -2.49 7.86 -24.31
C ILE D 65 -3.66 7.77 -25.28
N ILE D 66 -4.38 8.86 -25.40
CA ILE D 66 -5.50 9.00 -26.33
C ILE D 66 -5.00 8.93 -27.78
N MSE D 67 -4.00 9.74 -28.11
CA MSE D 67 -3.36 9.73 -29.43
C MSE D 67 -2.92 8.35 -29.88
O MSE D 67 -3.04 8.01 -31.06
CB MSE D 67 -2.14 10.65 -29.46
CG MSE D 67 -2.52 12.10 -29.39
SE MSE D 67 -3.95 12.50 -30.67
CE MSE D 67 -3.13 11.79 -32.31
N MSE D 68 -2.42 7.56 -28.93
CA MSE D 68 -1.87 6.26 -29.30
C MSE D 68 -3.00 5.28 -29.53
O MSE D 68 -2.78 4.26 -30.14
CB MSE D 68 -0.98 5.72 -28.18
CG MSE D 68 0.22 6.59 -27.88
SE MSE D 68 1.65 6.49 -29.21
CE MSE D 68 1.02 7.63 -30.65
N ASN D 69 -4.20 5.56 -29.02
CA ASN D 69 -5.20 4.52 -29.09
C ASN D 69 -5.47 4.00 -30.52
N GLN D 70 -5.47 4.92 -31.48
CA GLN D 70 -5.76 4.59 -32.86
C GLN D 70 -4.75 3.63 -33.51
N ASN D 71 -3.56 3.50 -32.95
CA ASN D 71 -2.58 2.57 -33.53
C ASN D 71 -2.95 1.09 -33.31
N LYS D 72 -3.89 0.83 -32.40
CA LYS D 72 -4.21 -0.56 -32.05
C LYS D 72 -5.71 -0.90 -32.06
N SER D 73 -6.54 0.12 -31.89
CA SER D 73 -8.01 -0.07 -31.83
C SER D 73 -8.62 -0.29 -33.23
N ASN D 74 -9.56 -1.22 -33.32
CA ASN D 74 -10.40 -1.32 -34.52
C ASN D 74 -11.77 -0.66 -34.22
N TYR D 75 -11.86 0.07 -33.12
CA TYR D 75 -13.07 0.86 -32.79
C TYR D 75 -14.39 0.07 -32.67
N SER D 76 -14.28 -1.24 -32.45
CA SER D 76 -15.41 -2.07 -32.13
C SER D 76 -15.84 -1.83 -30.69
N ILE D 77 -16.90 -2.48 -30.25
CA ILE D 77 -17.35 -2.27 -28.89
C ILE D 77 -16.35 -2.92 -27.92
N ASP D 78 -15.80 -4.07 -28.30
CA ASP D 78 -14.67 -4.70 -27.57
C ASP D 78 -13.53 -3.68 -27.40
N ALA D 79 -13.20 -2.98 -28.47
CA ALA D 79 -12.14 -1.96 -28.41
C ALA D 79 -12.48 -0.81 -27.47
N LEU D 80 -13.76 -0.50 -27.35
CA LEU D 80 -14.17 0.56 -26.44
C LEU D 80 -13.87 0.12 -25.01
N TYR D 81 -14.32 -1.07 -24.65
CA TYR D 81 -14.05 -1.67 -23.35
C TYR D 81 -12.51 -1.61 -23.08
N GLN D 82 -11.70 -2.03 -24.06
CA GLN D 82 -10.22 -2.04 -23.91
C GLN D 82 -9.69 -0.64 -23.67
N PHE D 83 -10.20 0.33 -24.44
CA PHE D 83 -9.76 1.71 -24.25
C PHE D 83 -10.14 2.29 -22.86
N LEU D 84 -11.37 2.04 -22.40
CA LEU D 84 -11.76 2.58 -21.09
C LEU D 84 -10.88 1.93 -19.99
N PHE D 85 -10.66 0.63 -20.10
CA PHE D 85 -9.86 -0.08 -19.07
C PHE D 85 -8.42 0.47 -19.10
N GLU D 86 -7.86 0.64 -20.29
CA GLU D 86 -6.49 1.16 -20.40
CA GLU D 86 -6.50 1.14 -20.40
C GLU D 86 -6.35 2.58 -19.86
N PHE D 87 -7.36 3.43 -20.08
CA PHE D 87 -7.28 4.79 -19.68
C PHE D 87 -7.38 4.94 -18.13
N ILE D 88 -8.08 4.03 -17.50
CA ILE D 88 -8.30 4.07 -16.05
C ILE D 88 -7.24 3.24 -15.31
N PHE D 89 -6.77 2.15 -15.92
CA PHE D 89 -5.87 1.18 -15.23
C PHE D 89 -4.49 0.82 -15.87
N ASP D 90 -4.41 0.73 -17.19
CA ASP D 90 -3.16 0.25 -17.83
C ASP D 90 -2.12 1.33 -17.99
N ILE D 91 -2.41 2.54 -17.54
CA ILE D 91 -1.35 3.55 -17.52
C ILE D 91 -0.77 3.72 -16.13
N GLU D 92 0.34 4.45 -16.04
CA GLU D 92 1.00 4.74 -14.75
C GLU D 92 -0.02 5.49 -13.95
N GLU D 93 -0.40 4.96 -12.79
CA GLU D 93 -1.57 5.53 -12.12
C GLU D 93 -1.33 6.91 -11.54
N ARG D 94 -0.04 7.30 -11.40
CA ARG D 94 0.26 8.61 -10.82
C ARG D 94 -0.33 9.75 -11.65
N TYR D 95 -0.52 9.52 -12.96
CA TYR D 95 -1.06 10.60 -13.82
C TYR D 95 -2.54 10.94 -13.50
N ILE D 96 -3.39 9.95 -13.42
CA ILE D 96 -4.74 10.16 -12.96
C ILE D 96 -4.77 10.66 -11.52
N ARG D 97 -3.91 10.17 -10.65
CA ARG D 97 -3.86 10.64 -9.28
CA ARG D 97 -3.91 10.67 -9.32
C ARG D 97 -3.51 12.11 -9.23
N MSE D 98 -2.58 12.49 -10.06
CA MSE D 98 -2.28 13.90 -10.27
C MSE D 98 -3.53 14.67 -10.68
O MSE D 98 -3.73 15.81 -10.27
CB MSE D 98 -1.20 14.08 -11.34
CG MSE D 98 -0.79 15.54 -11.54
SE MSE D 98 0.09 16.32 -9.99
CE MSE D 98 1.83 15.45 -10.20
N TYR D 99 -4.16 14.16 -11.66
CA TYR D 99 -5.27 14.87 -12.20
C TYR D 99 -6.27 15.17 -11.09
N VAL D 100 -6.54 14.21 -10.23
CA VAL D 100 -7.43 14.48 -9.10
C VAL D 100 -6.84 15.52 -8.09
N GLN D 101 -5.54 15.49 -7.85
CA GLN D 101 -4.89 16.52 -7.00
C GLN D 101 -5.11 17.94 -7.59
N LEU D 102 -5.39 18.07 -8.90
CA LEU D 102 -5.53 19.41 -9.49
C LEU D 102 -6.66 20.20 -8.84
N SER D 103 -7.60 19.49 -8.21
CA SER D 103 -8.69 20.14 -7.54
C SER D 103 -8.21 20.89 -6.30
N ASN D 104 -6.92 20.78 -5.97
CA ASN D 104 -6.27 21.67 -4.98
C ASN D 104 -5.20 22.58 -5.55
N THR D 105 -5.24 22.86 -6.85
CA THR D 105 -4.17 23.68 -7.42
C THR D 105 -4.20 25.07 -6.77
N PRO D 106 -3.06 25.74 -6.66
CA PRO D 106 -3.08 27.09 -6.17
C PRO D 106 -3.89 27.88 -7.15
N GLU D 107 -4.69 28.83 -6.66
CA GLU D 107 -5.65 29.52 -7.48
C GLU D 107 -5.00 30.23 -8.64
N GLU D 108 -3.76 30.63 -8.49
CA GLU D 108 -3.15 31.32 -9.59
C GLU D 108 -3.03 30.47 -10.84
N PHE D 109 -2.91 29.17 -10.70
CA PHE D 109 -2.83 28.30 -11.86
C PHE D 109 -4.14 27.83 -12.35
N SER D 110 -5.19 28.13 -11.63
CA SER D 110 -6.45 27.52 -11.96
C SER D 110 -6.91 27.84 -13.38
N GLY D 111 -6.72 29.04 -13.84
CA GLY D 111 -7.15 29.32 -15.18
C GLY D 111 -6.45 28.51 -16.25
N ASN D 112 -5.14 28.39 -16.15
CA ASN D 112 -4.36 27.63 -17.10
C ASN D 112 -4.71 26.17 -17.04
N ILE D 113 -4.84 25.66 -15.82
CA ILE D 113 -5.20 24.28 -15.66
C ILE D 113 -6.61 24.00 -16.20
N TYR D 114 -7.54 24.93 -16.03
CA TYR D 114 -8.88 24.75 -16.60
C TYR D 114 -8.84 24.54 -18.13
N GLY D 115 -8.04 25.32 -18.82
CA GLY D 115 -7.92 25.17 -20.26
C GLY D 115 -7.31 23.82 -20.62
N GLN D 116 -6.42 23.30 -19.77
CA GLN D 116 -5.80 22.00 -20.09
C GLN D 116 -6.83 20.90 -19.88
N ILE D 117 -7.65 21.04 -18.84
CA ILE D 117 -8.74 20.10 -18.64
C ILE D 117 -9.72 20.14 -19.77
N GLN D 118 -10.08 21.33 -20.25
CA GLN D 118 -11.01 21.37 -21.36
C GLN D 118 -10.44 20.71 -22.61
N ASP D 119 -9.17 20.94 -22.85
CA ASP D 119 -8.50 20.38 -24.02
C ASP D 119 -8.44 18.86 -23.94
N LEU D 120 -8.13 18.34 -22.74
CA LEU D 120 -8.10 16.89 -22.54
C LEU D 120 -9.50 16.29 -22.73
N ASN D 121 -10.52 16.97 -22.19
CA ASN D 121 -11.90 16.55 -22.42
C ASN D 121 -12.32 16.55 -23.88
N GLN D 122 -11.93 17.57 -24.63
CA GLN D 122 -12.26 17.59 -26.06
C GLN D 122 -11.62 16.43 -26.78
N SER D 123 -10.37 16.16 -26.46
CA SER D 123 -9.68 15.06 -27.16
C SER D 123 -10.26 13.70 -26.78
N LEU D 124 -10.61 13.48 -25.51
CA LEU D 124 -11.21 12.25 -25.05
C LEU D 124 -12.57 12.08 -25.76
N SER D 125 -13.31 13.16 -25.86
CA SER D 125 -14.66 13.12 -26.45
C SER D 125 -14.59 12.75 -27.95
N LYS D 126 -13.63 13.32 -28.64
CA LYS D 126 -13.42 12.99 -30.04
C LYS D 126 -13.06 11.50 -30.22
N GLU D 127 -12.22 10.96 -29.33
CA GLU D 127 -11.85 9.54 -29.36
C GLU D 127 -13.08 8.63 -29.10
N ILE D 128 -13.87 8.96 -28.10
CA ILE D 128 -15.05 8.20 -27.79
C ILE D 128 -15.99 8.14 -28.99
N ALA D 129 -16.12 9.27 -29.69
CA ALA D 129 -17.01 9.41 -30.83
C ALA D 129 -16.72 8.36 -31.90
N LYS D 130 -15.45 7.96 -32.02
CA LYS D 130 -15.00 7.01 -33.04
C LYS D 130 -15.56 5.61 -32.80
N PHE D 131 -15.98 5.33 -31.57
CA PHE D 131 -16.59 4.05 -31.29
C PHE D 131 -18.10 4.06 -31.51
N TYR D 132 -18.66 5.24 -31.85
CA TYR D 132 -20.12 5.36 -31.96
C TYR D 132 -20.56 4.71 -33.25
N ASP D 133 -21.34 3.64 -33.12
CA ASP D 133 -21.82 2.88 -34.26
C ASP D 133 -23.33 2.92 -34.23
N GLU D 134 -23.88 3.81 -35.04
CA GLU D 134 -25.30 4.14 -34.95
C GLU D 134 -26.19 2.91 -35.09
N SER D 135 -25.72 1.92 -35.82
CA SER D 135 -26.54 0.73 -36.06
C SER D 135 -26.61 -0.17 -34.83
N LYS D 136 -25.69 0.00 -33.89
CA LYS D 136 -25.63 -0.88 -32.73
C LYS D 136 -26.08 -0.19 -31.43
N ILE D 137 -26.16 1.15 -31.48
CA ILE D 137 -26.32 1.95 -30.24
C ILE D 137 -27.70 2.67 -30.17
N LYS D 138 -28.45 2.46 -29.10
CA LYS D 138 -29.83 2.95 -29.02
C LYS D 138 -29.92 4.35 -28.41
N MSE D 139 -29.06 5.25 -28.89
CA MSE D 139 -29.07 6.64 -28.47
C MSE D 139 -28.19 7.44 -29.43
O MSE D 139 -27.45 6.87 -30.19
CB MSE D 139 -28.55 6.80 -27.03
CG MSE D 139 -27.06 6.42 -26.83
SE MSE D 139 -26.50 6.53 -24.91
CE MSE D 139 -27.58 5.11 -24.13
N THR D 140 -28.28 8.77 -29.34
CA THR D 140 -27.54 9.65 -30.24
C THR D 140 -26.07 9.60 -29.88
N LYS D 141 -25.23 10.03 -30.81
CA LYS D 141 -23.81 10.13 -30.53
C LYS D 141 -23.55 11.02 -29.31
N GLU D 142 -24.31 12.10 -29.18
CA GLU D 142 -24.08 13.01 -28.08
C GLU D 142 -24.41 12.42 -26.71
N ASP D 143 -25.50 11.67 -26.61
CA ASP D 143 -25.84 11.02 -25.33
C ASP D 143 -24.82 9.91 -25.05
N PHE D 144 -24.46 9.15 -26.08
CA PHE D 144 -23.35 8.16 -25.98
C PHE D 144 -22.06 8.82 -25.43
N GLN D 145 -21.60 9.90 -26.07
CA GLN D 145 -20.38 10.58 -25.60
C GLN D 145 -20.48 10.99 -24.13
N ASN D 146 -21.58 11.65 -23.76
CA ASN D 146 -21.80 12.09 -22.38
C ASN D 146 -21.82 10.92 -21.41
N LEU D 147 -22.50 9.84 -21.76
CA LEU D 147 -22.53 8.70 -20.85
C LEU D 147 -21.12 8.15 -20.58
N ILE D 148 -20.33 7.98 -21.63
CA ILE D 148 -19.01 7.39 -21.46
C ILE D 148 -18.13 8.37 -20.68
N LEU D 149 -18.24 9.64 -21.01
CA LEU D 149 -17.44 10.65 -20.28
C LEU D 149 -17.76 10.70 -18.79
N LEU D 150 -19.04 10.63 -18.44
CA LEU D 150 -19.42 10.56 -17.04
C LEU D 150 -18.91 9.28 -16.42
N PHE D 151 -19.04 8.16 -17.14
CA PHE D 151 -18.46 6.91 -16.63
C PHE D 151 -16.97 7.08 -16.25
N LEU D 152 -16.18 7.61 -17.16
CA LEU D 152 -14.75 7.86 -16.92
C LEU D 152 -14.59 8.77 -15.73
N GLU D 153 -15.36 9.86 -15.68
CA GLU D 153 -15.21 10.84 -14.62
C GLU D 153 -15.46 10.19 -13.24
N SER D 154 -16.47 9.32 -13.13
CA SER D 154 -16.69 8.66 -11.83
C SER D 154 -15.45 7.80 -11.47
N TRP D 155 -14.81 7.24 -12.47
CA TRP D 155 -13.69 6.34 -12.23
C TRP D 155 -12.32 7.01 -11.95
N TYR D 156 -12.07 8.24 -12.39
CA TYR D 156 -10.78 8.89 -12.07
C TYR D 156 -10.66 8.88 -10.54
N LEU D 157 -11.72 9.26 -9.88
CA LEU D 157 -11.73 9.26 -8.39
C LEU D 157 -11.73 7.90 -7.75
N LYS D 158 -12.59 6.97 -8.20
CA LYS D 158 -12.55 5.63 -7.66
C LYS D 158 -11.21 4.92 -7.88
N ALA D 159 -10.61 5.08 -9.05
CA ALA D 159 -9.29 4.47 -9.28
C ALA D 159 -8.23 5.19 -8.45
N SER D 160 -8.34 6.52 -8.31
CA SER D 160 -7.40 7.25 -7.46
C SER D 160 -7.51 6.77 -6.00
N PHE D 161 -8.73 6.63 -5.47
CA PHE D 161 -8.87 6.06 -4.11
C PHE D 161 -8.26 4.64 -4.02
N SER D 162 -8.58 3.79 -4.99
CA SER D 162 -8.17 2.39 -4.83
C SER D 162 -6.65 2.21 -4.92
N GLN D 163 -5.99 3.02 -5.74
CA GLN D 163 -4.51 3.10 -5.73
C GLN D 163 -3.97 3.60 -4.38
N LYS D 164 -4.57 4.64 -3.83
CA LYS D 164 -4.13 5.15 -2.51
C LYS D 164 -4.35 4.16 -1.35
N PHE D 165 -5.49 3.48 -1.39
CA PHE D 165 -5.86 2.61 -0.30
C PHE D 165 -5.52 1.16 -0.52
N GLY D 166 -4.73 0.88 -1.55
CA GLY D 166 -4.16 -0.42 -1.71
C GLY D 166 -5.19 -1.43 -2.12
N ALA D 167 -6.16 -1.01 -2.93
CA ALA D 167 -7.19 -1.95 -3.35
C ALA D 167 -7.41 -1.96 -4.87
N VAL D 168 -6.33 -1.80 -5.64
CA VAL D 168 -6.49 -1.73 -7.10
C VAL D 168 -7.17 -2.97 -7.70
N GLU D 169 -6.80 -4.18 -7.27
CA GLU D 169 -7.30 -5.39 -7.93
C GLU D 169 -8.79 -5.58 -7.69
N GLU D 170 -9.24 -5.28 -6.48
CA GLU D 170 -10.68 -5.34 -6.20
C GLU D 170 -11.41 -4.34 -7.12
N SER D 171 -10.81 -3.17 -7.28
CA SER D 171 -11.47 -2.12 -8.06
C SER D 171 -11.51 -2.44 -9.57
N LYS D 172 -10.44 -3.05 -10.09
CA LYS D 172 -10.39 -3.51 -11.50
C LYS D 172 -11.53 -4.49 -11.75
N SER D 173 -11.75 -5.36 -10.79
CA SER D 173 -12.88 -6.28 -10.85
C SER D 173 -14.27 -5.61 -10.81
N GLN D 174 -14.44 -4.61 -9.94
CA GLN D 174 -15.65 -3.85 -9.90
C GLN D 174 -15.80 -3.12 -11.24
N PHE D 175 -14.72 -2.52 -11.74
CA PHE D 175 -14.71 -1.82 -13.02
C PHE D 175 -15.19 -2.70 -14.22
N LYS D 176 -14.66 -3.90 -14.32
CA LYS D 176 -15.06 -4.83 -15.39
C LYS D 176 -16.55 -5.08 -15.37
N ASP D 177 -17.11 -5.35 -14.17
CA ASP D 177 -18.55 -5.59 -14.09
CA ASP D 177 -18.56 -5.56 -14.01
C ASP D 177 -19.38 -4.36 -14.50
N GLU D 178 -18.93 -3.18 -14.08
CA GLU D 178 -19.57 -1.95 -14.48
C GLU D 178 -19.48 -1.67 -15.97
N VAL D 179 -18.37 -2.03 -16.60
CA VAL D 179 -18.27 -1.80 -18.07
C VAL D 179 -19.18 -2.77 -18.83
N TYR D 180 -19.20 -4.05 -18.45
CA TYR D 180 -20.24 -4.95 -19.00
C TYR D 180 -21.64 -4.33 -18.91
N SER D 181 -21.97 -3.78 -17.76
CA SER D 181 -23.29 -3.17 -17.59
C SER D 181 -23.43 -1.90 -18.49
N LEU D 182 -22.38 -1.10 -18.57
CA LEU D 182 -22.36 0.12 -19.40
C LEU D 182 -22.66 -0.21 -20.90
N LEU D 183 -22.02 -1.23 -21.43
CA LEU D 183 -22.36 -1.72 -22.76
C LEU D 183 -23.82 -2.16 -22.89
N ASN D 184 -24.31 -2.90 -21.90
CA ASN D 184 -25.68 -3.40 -21.96
C ASN D 184 -26.70 -2.22 -21.96
N ILE D 185 -26.32 -1.15 -21.28
CA ILE D 185 -27.11 0.12 -21.26
C ILE D 185 -27.25 0.75 -22.63
N PHE D 186 -26.13 0.95 -23.35
CA PHE D 186 -26.22 1.72 -24.56
C PHE D 186 -26.46 0.90 -25.84
N LEU D 187 -26.28 -0.43 -25.77
CA LEU D 187 -26.40 -1.24 -26.97
C LEU D 187 -27.85 -1.59 -27.29
N LYS D 188 -28.15 -1.56 -28.58
CA LYS D 188 -29.41 -2.02 -29.13
C LYS D 188 -29.54 -3.52 -28.87
N LYS D 189 -30.72 -3.97 -28.48
CA LYS D 189 -30.89 -5.39 -28.17
C LYS D 189 -30.66 -6.21 -29.46
CL CL E . 6.65 -23.31 27.10
C FMT F . 2.91 -22.16 -12.61
O1 FMT F . 3.65 -21.20 -12.34
O2 FMT F . 1.85 -22.11 -13.28
C FMT G . -1.99 0.89 31.66
O1 FMT G . -2.06 0.25 30.61
O2 FMT G . -1.53 2.02 31.72
C FMT H . 8.78 -15.64 33.82
O1 FMT H . 8.08 -14.65 33.96
O2 FMT H . 9.85 -15.60 33.21
C FMT I . 7.58 7.55 29.04
O1 FMT I . 7.98 7.96 30.21
O2 FMT I . 7.45 7.99 27.81
CL CL J . 32.61 -25.38 -18.71
CL CL K . 13.63 -3.70 15.07
C FMT L . 36.59 -22.85 -12.63
O1 FMT L . 37.31 -23.37 -11.78
O2 FMT L . 35.89 -23.44 -13.47
C FMT M . 28.01 -28.21 9.30
O1 FMT M . 29.16 -28.47 9.58
O2 FMT M . 27.49 -27.10 9.45
C FMT N . 23.80 5.92 4.27
O1 FMT N . 23.54 6.46 5.34
O2 FMT N . 24.46 4.87 4.15
CL CL O . 0.32 22.52 12.32
CL CL O . 0.09 21.68 10.82
CL CL P . -31.51 24.61 -13.27
NA NA Q . -42.34 3.89 -10.00
C FMT R . -18.03 2.45 -36.20
O1 FMT R . -17.40 3.26 -35.56
O2 FMT R . -18.82 2.72 -37.11
C FMT S . 16.67 28.04 -14.13
O1 FMT S . 16.35 28.52 -13.06
O2 FMT S . 17.73 27.44 -14.30
C FMT T . 8.81 23.40 0.52
O1 FMT T . 7.71 23.75 0.09
O2 FMT T . 9.89 23.72 0.01
#